data_4LLN
#
_entry.id   4LLN
#
_cell.length_a   76.343
_cell.length_b   76.231
_cell.length_c   109.410
_cell.angle_alpha   90.61
_cell.angle_beta   104.75
_cell.angle_gamma   106.27
#
_symmetry.space_group_name_H-M   'P 1'
#
loop_
_entity.id
_entity.type
_entity.pdbx_description
1 polymer MepR
2 polymer 'Palindromized mepR operator sequence'
#
loop_
_entity_poly.entity_id
_entity_poly.type
_entity_poly.pdbx_seq_one_letter_code
_entity_poly.pdbx_strand_id
1 'polypeptide(L)'
;SNEFTYSYLFRMISHEMKQKADQKLEQFDITNEQGHTLGYLYAHQQDGLTQNDIAKALQRTGPTVSNLLRNLERKKLIYR
YVDAQDTRRKNIGLTTSGIKLVEAFTSIFDEMEQTLVSQLSEEENEQMKANLTKMLSSLQ
;
A,B,C,D,I,J
2 'polydeoxyribonucleotide'
;(DA)(DT)(DT)(DT)(DA)(DG)(DT)(DT)(DA)(DG)(DA)(DT)(DA)(DT)(DC)(DT)(DA)(DA)(DC)(DT)
(DA)(DA)(DA)(DT)
;
G,H,E,F,K,L
#
# COMPACT_ATOMS: atom_id res chain seq x y z
N PHE A 4 23.42 12.05 -14.36
CA PHE A 4 22.38 11.46 -13.52
C PHE A 4 22.09 12.30 -12.28
N THR A 5 20.82 12.57 -12.06
CA THR A 5 20.37 13.27 -10.85
C THR A 5 20.55 12.37 -9.62
N TYR A 6 20.60 12.99 -8.45
CA TYR A 6 20.84 12.28 -7.20
C TYR A 6 19.64 11.42 -6.81
N SER A 7 18.45 12.03 -6.84
CA SER A 7 17.20 11.34 -6.55
C SER A 7 17.08 10.00 -7.25
N TYR A 8 17.25 10.01 -8.58
CA TYR A 8 17.29 8.78 -9.38
C TYR A 8 18.20 7.73 -8.77
N LEU A 9 19.45 8.14 -8.59
CA LEU A 9 20.50 7.29 -8.03
C LEU A 9 20.06 6.61 -6.75
N PHE A 10 19.70 7.40 -5.74
CA PHE A 10 19.38 6.86 -4.43
C PHE A 10 18.13 5.98 -4.47
N ARG A 11 17.08 6.49 -5.11
CA ARG A 11 15.81 5.78 -5.19
C ARG A 11 15.94 4.45 -5.94
N MET A 12 16.98 4.35 -6.76
CA MET A 12 17.18 3.11 -7.51
C MET A 12 18.08 2.17 -6.73
N ILE A 13 19.09 2.68 -6.06
CA ILE A 13 19.98 1.78 -5.35
C ILE A 13 19.25 1.26 -4.11
N SER A 14 18.13 1.90 -3.79
CA SER A 14 17.41 1.50 -2.59
C SER A 14 16.23 0.65 -3.01
N HIS A 15 15.68 0.93 -4.18
CA HIS A 15 14.66 0.04 -4.71
C HIS A 15 15.31 -1.32 -4.90
N GLU A 16 16.43 -1.34 -5.63
CA GLU A 16 17.19 -2.57 -5.88
C GLU A 16 17.68 -3.25 -4.60
N MET A 17 18.11 -2.47 -3.61
CA MET A 17 18.54 -3.08 -2.35
C MET A 17 17.37 -3.80 -1.68
N LYS A 18 16.22 -3.11 -1.62
CA LYS A 18 15.01 -3.67 -1.04
C LYS A 18 14.60 -4.96 -1.74
N GLN A 19 14.57 -4.91 -3.07
CA GLN A 19 14.26 -6.09 -3.89
C GLN A 19 15.18 -7.28 -3.62
N LYS A 20 16.49 -7.07 -3.73
CA LYS A 20 17.45 -8.13 -3.44
C LYS A 20 17.25 -8.73 -2.05
N ALA A 21 16.99 -7.85 -1.08
CA ALA A 21 16.79 -8.30 0.29
C ALA A 21 15.53 -9.16 0.40
N ASP A 22 14.44 -8.73 -0.21
CA ASP A 22 13.20 -9.50 -0.18
C ASP A 22 13.39 -10.86 -0.84
N GLN A 23 14.07 -10.85 -1.98
CA GLN A 23 14.39 -12.09 -2.70
C GLN A 23 15.11 -13.07 -1.80
N LYS A 24 16.06 -12.58 -1.00
CA LYS A 24 16.81 -13.49 -0.13
C LYS A 24 15.97 -13.94 1.08
N LEU A 25 15.20 -13.01 1.63
CA LEU A 25 14.36 -13.26 2.80
C LEU A 25 13.10 -14.05 2.53
N GLU A 26 12.83 -14.37 1.27
CA GLU A 26 11.62 -15.13 0.91
C GLU A 26 11.49 -16.46 1.66
N GLN A 27 12.60 -17.10 1.97
CA GLN A 27 12.59 -18.38 2.68
C GLN A 27 12.24 -18.26 4.17
N PHE A 28 12.19 -17.03 4.67
CA PHE A 28 11.89 -16.79 6.08
C PHE A 28 10.49 -16.22 6.29
N ASP A 29 9.80 -15.93 5.20
CA ASP A 29 8.44 -15.40 5.23
C ASP A 29 8.36 -14.05 5.96
N ILE A 30 9.41 -13.25 5.82
CA ILE A 30 9.40 -11.89 6.34
C ILE A 30 9.91 -10.92 5.27
N THR A 31 9.51 -9.66 5.37
CA THR A 31 9.94 -8.65 4.42
C THR A 31 11.19 -7.93 4.91
N ASN A 32 11.79 -7.13 4.03
CA ASN A 32 12.97 -6.34 4.34
C ASN A 32 12.77 -5.52 5.62
N GLU A 33 11.68 -4.75 5.62
CA GLU A 33 11.34 -3.86 6.73
C GLU A 33 11.22 -4.64 8.04
N GLN A 34 10.52 -5.77 7.99
CA GLN A 34 10.42 -6.65 9.15
C GLN A 34 11.79 -7.16 9.57
N GLY A 35 12.66 -7.41 8.60
CA GLY A 35 14.00 -7.88 8.89
C GLY A 35 14.78 -6.87 9.72
N HIS A 36 14.78 -5.63 9.26
CA HIS A 36 15.47 -4.55 9.97
C HIS A 36 14.83 -4.24 11.32
N THR A 37 13.51 -4.31 11.40
CA THR A 37 12.82 -4.06 12.66
C THR A 37 13.20 -5.14 13.67
N LEU A 38 13.13 -6.39 13.23
CA LEU A 38 13.55 -7.53 14.02
C LEU A 38 14.98 -7.37 14.51
N GLY A 39 15.85 -6.88 13.62
CA GLY A 39 17.24 -6.65 13.97
C GLY A 39 17.41 -5.59 15.04
N TYR A 40 16.73 -4.47 14.85
CA TYR A 40 16.75 -3.38 15.84
C TYR A 40 16.29 -3.88 17.19
N LEU A 41 15.20 -4.67 17.19
CA LEU A 41 14.69 -5.24 18.43
C LEU A 41 15.73 -6.17 19.06
N TYR A 42 16.42 -6.94 18.22
CA TYR A 42 17.51 -7.79 18.68
C TYR A 42 18.57 -6.99 19.43
N ALA A 43 18.94 -5.85 18.88
CA ALA A 43 19.98 -5.01 19.46
C ALA A 43 19.54 -4.33 20.75
N HIS A 44 18.37 -3.70 20.73
CA HIS A 44 17.94 -2.83 21.83
C HIS A 44 16.78 -3.36 22.68
N GLN A 45 16.56 -4.67 22.67
CA GLN A 45 15.43 -5.27 23.37
C GLN A 45 15.44 -4.97 24.87
N GLN A 46 16.64 -4.95 25.44
CA GLN A 46 16.82 -4.82 26.88
C GLN A 46 16.50 -3.44 27.45
N ASP A 47 16.04 -2.52 26.60
CA ASP A 47 15.97 -1.12 27.01
C ASP A 47 14.79 -0.64 27.88
N GLY A 48 13.58 -1.21 27.81
CA GLY A 48 13.07 -2.02 26.71
C GLY A 48 12.00 -1.15 26.09
N LEU A 49 12.09 -0.97 24.77
CA LEU A 49 11.45 0.16 24.11
C LEU A 49 9.98 0.02 23.75
N THR A 50 9.29 1.16 23.83
CA THR A 50 7.91 1.31 23.36
C THR A 50 7.85 1.46 21.85
N GLN A 51 6.66 1.39 21.29
CA GLN A 51 6.47 1.56 19.85
C GLN A 51 6.96 2.92 19.33
N ASN A 52 6.70 3.98 20.10
CA ASN A 52 7.17 5.31 19.73
C ASN A 52 8.69 5.39 19.62
N ASP A 53 9.38 4.65 20.48
CA ASP A 53 10.84 4.58 20.44
C ASP A 53 11.31 3.98 19.12
N ILE A 54 10.64 2.91 18.70
CA ILE A 54 10.94 2.27 17.42
C ILE A 54 10.67 3.21 16.26
N ALA A 55 9.53 3.89 16.33
CA ALA A 55 9.15 4.87 15.32
C ALA A 55 10.22 5.94 15.18
N LYS A 56 10.65 6.49 16.30
CA LYS A 56 11.68 7.53 16.33
C LYS A 56 12.98 7.02 15.75
N ALA A 57 13.36 5.81 16.15
CA ALA A 57 14.64 5.24 15.75
C ALA A 57 14.69 4.82 14.28
N LEU A 58 13.52 4.63 13.68
CA LEU A 58 13.43 4.02 12.36
C LEU A 58 13.00 5.04 11.30
N GLN A 59 12.54 6.20 11.76
CA GLN A 59 12.02 7.26 10.90
C GLN A 59 10.73 6.84 10.22
N ARG A 60 9.78 6.42 11.04
CA ARG A 60 8.49 5.88 10.60
C ARG A 60 7.43 6.45 11.53
N THR A 61 6.27 6.79 10.99
CA THR A 61 5.16 7.25 11.82
C THR A 61 4.53 6.15 12.68
N GLY A 62 3.77 6.59 13.68
CA GLY A 62 3.04 5.71 14.57
C GLY A 62 2.19 4.63 13.93
N PRO A 63 1.28 5.00 13.02
CA PRO A 63 0.41 3.99 12.40
C PRO A 63 1.22 2.96 11.64
N THR A 64 2.27 3.43 10.98
CA THR A 64 3.18 2.58 10.23
C THR A 64 3.74 1.45 11.08
N VAL A 65 4.42 1.84 12.15
CA VAL A 65 5.04 0.87 13.04
C VAL A 65 3.96 0.03 13.73
N SER A 66 2.77 0.60 13.92
CA SER A 66 1.66 -0.17 14.48
C SER A 66 1.27 -1.33 13.56
N ASN A 67 1.25 -1.06 12.26
CA ASN A 67 0.94 -2.09 11.28
C ASN A 67 2.05 -3.11 11.17
N LEU A 68 3.29 -2.63 11.15
CA LEU A 68 4.45 -3.52 11.05
C LEU A 68 4.50 -4.45 12.25
N LEU A 69 4.30 -3.89 13.44
CA LEU A 69 4.38 -4.63 14.68
C LEU A 69 3.23 -5.61 14.78
N ARG A 70 2.06 -5.20 14.29
CA ARG A 70 0.91 -6.10 14.33
C ARG A 70 1.15 -7.27 13.38
N ASN A 71 1.84 -6.99 12.28
CA ASN A 71 2.26 -8.03 11.35
C ASN A 71 3.21 -9.03 12.00
N LEU A 72 4.26 -8.51 12.64
CA LEU A 72 5.23 -9.36 13.34
C LEU A 72 4.57 -10.17 14.45
N GLU A 73 3.60 -9.57 15.12
CA GLU A 73 2.90 -10.20 16.22
C GLU A 73 1.99 -11.31 15.69
N ARG A 74 1.46 -11.10 14.48
CA ARG A 74 0.66 -12.13 13.83
C ARG A 74 1.54 -13.32 13.46
N LYS A 75 2.80 -13.05 13.16
CA LYS A 75 3.76 -14.10 12.84
C LYS A 75 4.38 -14.67 14.11
N LYS A 76 3.87 -14.20 15.25
CA LYS A 76 4.38 -14.60 16.57
C LYS A 76 5.89 -14.49 16.69
N LEU A 77 6.44 -13.40 16.17
CA LEU A 77 7.88 -13.18 16.21
C LEU A 77 8.22 -12.16 17.29
N ILE A 78 7.19 -11.48 17.77
CA ILE A 78 7.35 -10.52 18.85
C ILE A 78 6.19 -10.61 19.83
N TYR A 79 6.31 -9.91 20.95
CA TYR A 79 5.22 -9.80 21.91
C TYR A 79 5.10 -8.36 22.38
N ARG A 80 3.88 -7.96 22.72
CA ARG A 80 3.63 -6.61 23.21
C ARG A 80 2.84 -6.68 24.52
N TYR A 81 3.17 -5.82 25.47
CA TYR A 81 2.36 -5.72 26.68
C TYR A 81 2.22 -4.28 27.14
N VAL A 82 1.16 -4.00 27.90
CA VAL A 82 0.96 -2.65 28.44
C VAL A 82 1.86 -2.34 29.62
N ASP A 83 2.57 -1.21 29.53
CA ASP A 83 3.43 -0.74 30.61
C ASP A 83 2.65 -0.52 31.90
N ALA A 84 3.20 -0.98 33.01
CA ALA A 84 2.51 -0.89 34.29
C ALA A 84 2.49 0.54 34.82
N GLN A 85 3.51 1.32 34.44
CA GLN A 85 3.64 2.69 34.95
C GLN A 85 2.85 3.69 34.09
N ASP A 86 2.85 3.48 32.77
CA ASP A 86 2.22 4.39 31.84
C ASP A 86 1.31 3.63 30.88
N THR A 87 0.07 3.40 31.30
CA THR A 87 -0.91 2.59 30.57
C THR A 87 -1.02 2.93 29.07
N ARG A 88 -0.63 4.15 28.70
CA ARG A 88 -0.60 4.55 27.30
C ARG A 88 0.41 3.72 26.51
N ARG A 89 1.53 3.41 27.14
CA ARG A 89 2.67 2.79 26.47
C ARG A 89 2.47 1.31 26.15
N LYS A 90 3.16 0.87 25.11
CA LYS A 90 3.12 -0.53 24.69
C LYS A 90 4.55 -1.04 24.51
N ASN A 91 4.99 -1.89 25.43
CA ASN A 91 6.34 -2.41 25.45
C ASN A 91 6.51 -3.61 24.53
N ILE A 92 7.57 -3.57 23.74
CA ILE A 92 7.85 -4.57 22.70
C ILE A 92 8.99 -5.50 23.08
N GLY A 93 8.88 -6.78 22.72
CA GLY A 93 9.96 -7.72 22.94
C GLY A 93 10.04 -8.78 21.85
N LEU A 94 11.23 -9.35 21.66
CA LEU A 94 11.40 -10.51 20.80
C LEU A 94 11.01 -11.83 21.48
N THR A 95 10.32 -12.70 20.75
CA THR A 95 10.06 -14.05 21.22
C THR A 95 11.23 -14.92 20.80
N THR A 96 11.25 -16.17 21.26
CA THR A 96 12.38 -17.06 21.00
C THR A 96 12.45 -17.38 19.51
N SER A 97 11.31 -17.29 18.85
CA SER A 97 11.23 -17.52 17.42
C SER A 97 11.77 -16.31 16.71
N GLY A 98 11.41 -15.12 17.20
CA GLY A 98 11.92 -13.89 16.64
C GLY A 98 13.43 -13.84 16.75
N ILE A 99 13.96 -14.19 17.92
CA ILE A 99 15.40 -14.23 18.16
C ILE A 99 16.10 -15.22 17.25
N LYS A 100 15.53 -16.41 17.14
CA LYS A 100 16.10 -17.43 16.26
C LYS A 100 16.14 -16.94 14.81
N LEU A 101 15.03 -16.35 14.37
CA LEU A 101 14.93 -15.77 13.03
C LEU A 101 16.00 -14.71 12.78
N VAL A 102 16.15 -13.77 13.71
CA VAL A 102 17.15 -12.71 13.57
C VAL A 102 18.54 -13.32 13.46
N GLU A 103 18.83 -14.28 14.32
CA GLU A 103 20.09 -15.01 14.23
C GLU A 103 20.22 -15.78 12.91
N ALA A 104 19.09 -16.05 12.26
CA ALA A 104 19.11 -16.78 11.00
C ALA A 104 19.28 -15.96 9.72
N PHE A 105 18.59 -14.82 9.58
CA PHE A 105 18.76 -14.09 8.32
C PHE A 105 20.00 -13.22 8.35
N THR A 106 20.33 -12.68 9.53
CA THR A 106 21.27 -11.56 9.68
C THR A 106 22.48 -11.62 8.75
N SER A 107 22.92 -12.85 8.44
CA SER A 107 24.00 -13.11 7.50
C SER A 107 23.75 -12.46 6.13
N ILE A 108 22.48 -12.39 5.74
CA ILE A 108 22.10 -11.82 4.45
C ILE A 108 22.46 -10.34 4.34
N PHE A 109 22.04 -9.55 5.33
CA PHE A 109 22.32 -8.12 5.38
C PHE A 109 23.83 -7.87 5.30
N ASP A 110 24.58 -8.59 6.12
CA ASP A 110 26.04 -8.52 6.09
C ASP A 110 26.61 -8.89 4.72
N GLU A 111 26.03 -9.90 4.08
CA GLU A 111 26.43 -10.32 2.74
C GLU A 111 26.29 -9.16 1.77
N MET A 112 25.14 -8.49 1.85
CA MET A 112 24.87 -7.34 0.98
C MET A 112 25.85 -6.21 1.24
N GLU A 113 26.02 -5.85 2.51
CA GLU A 113 26.96 -4.80 2.90
C GLU A 113 28.37 -5.07 2.37
N GLN A 114 28.81 -6.32 2.50
CA GLN A 114 30.13 -6.72 2.04
C GLN A 114 30.23 -6.62 0.52
N THR A 115 29.35 -7.33 -0.17
CA THR A 115 29.28 -7.28 -1.64
C THR A 115 29.21 -5.84 -2.18
N LEU A 116 28.69 -4.93 -1.37
CA LEU A 116 28.74 -3.50 -1.69
C LEU A 116 30.12 -2.87 -1.47
N VAL A 117 30.64 -2.95 -0.25
CA VAL A 117 31.93 -2.32 0.05
C VAL A 117 33.09 -2.89 -0.76
N SER A 118 32.89 -4.06 -1.36
CA SER A 118 33.94 -4.70 -2.15
C SER A 118 34.13 -4.00 -3.50
N GLN A 119 33.12 -3.23 -3.90
CA GLN A 119 33.20 -2.38 -5.08
C GLN A 119 34.19 -1.24 -4.92
N LEU A 120 34.25 -0.67 -3.72
CA LEU A 120 34.98 0.58 -3.50
C LEU A 120 36.17 0.42 -2.57
N SER A 121 37.25 1.14 -2.90
CA SER A 121 38.45 1.19 -2.07
C SER A 121 38.11 1.82 -0.72
N GLU A 122 38.72 1.31 0.35
CA GLU A 122 38.41 1.73 1.71
C GLU A 122 38.40 3.25 1.89
N GLU A 123 39.36 3.95 1.29
CA GLU A 123 39.37 5.42 1.34
C GLU A 123 38.11 6.01 0.71
N GLU A 124 37.70 5.39 -0.41
CA GLU A 124 36.51 5.79 -1.13
C GLU A 124 35.25 5.43 -0.36
N ASN A 125 35.25 4.25 0.27
CA ASN A 125 34.12 3.83 1.08
C ASN A 125 33.90 4.78 2.27
N GLU A 126 35.01 5.19 2.88
CA GLU A 126 34.97 6.04 4.07
C GLU A 126 34.52 7.45 3.69
N GLN A 127 35.03 7.94 2.56
CA GLN A 127 34.69 9.28 2.12
C GLN A 127 33.22 9.26 1.66
N MET A 128 32.80 8.11 1.15
CA MET A 128 31.44 7.93 0.65
C MET A 128 30.45 8.01 1.79
N LYS A 129 30.67 7.20 2.82
CA LYS A 129 29.82 7.23 4.00
C LYS A 129 29.82 8.61 4.67
N ALA A 130 30.97 9.27 4.69
CA ALA A 130 31.03 10.62 5.23
C ALA A 130 30.16 11.62 4.45
N ASN A 131 30.20 11.51 3.12
CA ASN A 131 29.44 12.40 2.26
C ASN A 131 27.95 12.08 2.28
N LEU A 132 27.63 10.82 2.53
CA LEU A 132 26.25 10.39 2.63
C LEU A 132 25.70 10.97 3.91
N THR A 133 26.47 10.81 4.99
CA THR A 133 26.06 11.34 6.29
C THR A 133 25.83 12.84 6.20
N LYS A 134 26.68 13.52 5.45
CA LYS A 134 26.53 14.97 5.30
C LYS A 134 25.26 15.31 4.53
N MET A 135 25.00 14.56 3.46
CA MET A 135 23.78 14.78 2.66
C MET A 135 22.52 14.53 3.48
N LEU A 136 22.51 13.43 4.23
CA LEU A 136 21.39 13.08 5.09
C LEU A 136 21.22 14.14 6.16
N SER A 137 22.33 14.78 6.53
CA SER A 137 22.28 15.85 7.52
C SER A 137 21.62 17.08 6.92
N SER A 138 21.85 17.29 5.62
CA SER A 138 21.33 18.46 4.94
C SER A 138 19.80 18.47 4.91
N LEU A 139 19.20 17.28 4.83
CA LEU A 139 17.75 17.16 4.80
C LEU A 139 17.13 17.04 6.20
N GLN A 140 17.83 17.61 7.19
CA GLN A 140 17.34 17.63 8.57
C GLN A 140 17.00 16.24 9.10
N GLU B 3 30.60 3.90 10.20
CA GLU B 3 29.95 3.28 11.34
C GLU B 3 28.49 2.95 11.03
N PHE B 4 28.04 3.35 9.85
CA PHE B 4 26.66 3.11 9.43
C PHE B 4 26.61 2.16 8.24
N THR B 5 25.67 1.21 8.29
CA THR B 5 25.46 0.29 7.18
C THR B 5 24.99 1.08 5.96
N TYR B 6 25.41 0.65 4.77
CA TYR B 6 25.04 1.33 3.54
C TYR B 6 23.52 1.37 3.35
N SER B 7 22.88 0.23 3.61
CA SER B 7 21.43 0.11 3.47
C SER B 7 20.73 1.18 4.28
N TYR B 8 21.15 1.35 5.53
CA TYR B 8 20.61 2.39 6.41
C TYR B 8 20.62 3.75 5.75
N LEU B 9 21.81 4.18 5.33
CA LEU B 9 22.01 5.48 4.70
C LEU B 9 21.16 5.69 3.46
N PHE B 10 21.15 4.70 2.56
CA PHE B 10 20.39 4.80 1.32
C PHE B 10 18.88 4.85 1.58
N ARG B 11 18.40 3.92 2.40
CA ARG B 11 17.01 3.90 2.85
C ARG B 11 16.59 5.26 3.39
N MET B 12 17.31 5.73 4.40
CA MET B 12 17.00 6.97 5.09
C MET B 12 16.97 8.15 4.12
N ILE B 13 18.03 8.30 3.32
CA ILE B 13 18.13 9.38 2.35
C ILE B 13 16.95 9.37 1.38
N SER B 14 16.68 8.21 0.81
CA SER B 14 15.57 8.05 -0.13
C SER B 14 14.26 8.46 0.53
N HIS B 15 14.10 8.08 1.79
CA HIS B 15 12.89 8.39 2.53
C HIS B 15 12.70 9.89 2.76
N GLU B 16 13.74 10.56 3.25
CA GLU B 16 13.67 12.00 3.48
C GLU B 16 13.45 12.77 2.18
N MET B 17 14.11 12.35 1.12
CA MET B 17 13.90 12.95 -0.19
C MET B 17 12.44 12.81 -0.62
N LYS B 18 11.93 11.59 -0.54
CA LYS B 18 10.54 11.30 -0.87
C LYS B 18 9.56 12.14 -0.06
N GLN B 19 9.85 12.32 1.23
CA GLN B 19 8.98 13.10 2.12
C GLN B 19 8.97 14.58 1.76
N LYS B 20 10.16 15.18 1.69
CA LYS B 20 10.27 16.59 1.31
C LYS B 20 9.60 16.85 -0.05
N ALA B 21 9.88 15.97 -1.01
CA ALA B 21 9.23 16.01 -2.31
C ALA B 21 7.71 16.01 -2.18
N ASP B 22 7.17 15.02 -1.47
CA ASP B 22 5.73 14.91 -1.29
C ASP B 22 5.12 16.18 -0.67
N GLN B 23 5.84 16.73 0.31
CA GLN B 23 5.42 17.96 0.97
C GLN B 23 5.32 19.11 -0.02
N LYS B 24 6.38 19.36 -0.76
CA LYS B 24 6.38 20.46 -1.72
C LYS B 24 5.42 20.23 -2.88
N LEU B 25 5.11 18.97 -3.16
CA LEU B 25 4.22 18.63 -4.27
C LEU B 25 2.75 18.60 -3.87
N GLU B 26 2.47 18.63 -2.56
CA GLU B 26 1.10 18.53 -2.06
C GLU B 26 0.17 19.55 -2.72
N GLN B 27 0.69 20.74 -2.98
CA GLN B 27 -0.11 21.81 -3.61
C GLN B 27 -0.53 21.47 -5.04
N PHE B 28 0.10 20.46 -5.62
CA PHE B 28 -0.22 20.05 -6.98
C PHE B 28 -1.03 18.76 -6.94
N ASP B 29 -1.26 18.28 -5.72
CA ASP B 29 -2.04 17.08 -5.46
C ASP B 29 -1.50 15.88 -6.24
N ILE B 30 -0.18 15.76 -6.30
CA ILE B 30 0.44 14.56 -6.85
C ILE B 30 1.50 14.01 -5.90
N THR B 31 1.98 12.80 -6.18
CA THR B 31 3.03 12.19 -5.38
C THR B 31 4.38 12.27 -6.07
N ASN B 32 5.43 11.99 -5.32
CA ASN B 32 6.79 11.93 -5.84
C ASN B 32 6.91 11.07 -7.09
N GLU B 33 6.34 9.87 -7.02
CA GLU B 33 6.39 8.91 -8.11
C GLU B 33 5.66 9.44 -9.33
N GLN B 34 4.49 10.05 -9.10
CA GLN B 34 3.73 10.66 -10.19
C GLN B 34 4.51 11.80 -10.82
N GLY B 35 5.20 12.58 -9.98
CA GLY B 35 6.04 13.66 -10.47
C GLY B 35 7.13 13.17 -11.41
N HIS B 36 7.86 12.15 -10.98
CA HIS B 36 8.92 11.60 -11.82
C HIS B 36 8.38 10.91 -13.06
N THR B 37 7.20 10.30 -12.96
CA THR B 37 6.58 9.65 -14.11
C THR B 37 6.20 10.70 -15.16
N LEU B 38 5.44 11.71 -14.74
CA LEU B 38 5.09 12.83 -15.59
C LEU B 38 6.35 13.45 -16.21
N GLY B 39 7.42 13.51 -15.43
CA GLY B 39 8.69 14.03 -15.92
C GLY B 39 9.21 13.20 -17.07
N TYR B 40 9.28 11.88 -16.87
CA TYR B 40 9.73 10.98 -17.92
C TYR B 40 8.87 11.08 -19.18
N LEU B 41 7.56 11.23 -18.98
CA LEU B 41 6.65 11.46 -20.09
C LEU B 41 7.09 12.71 -20.83
N TYR B 42 7.13 13.85 -20.13
CA TYR B 42 7.65 15.10 -20.69
C TYR B 42 8.88 14.88 -21.58
N ALA B 43 9.92 14.31 -20.99
CA ALA B 43 11.20 14.14 -21.68
C ALA B 43 11.24 13.10 -22.82
N HIS B 44 10.34 12.13 -22.84
CA HIS B 44 10.39 11.12 -23.91
C HIS B 44 9.05 10.78 -24.55
N GLN B 45 8.12 11.72 -24.56
CA GLN B 45 6.78 11.51 -25.10
C GLN B 45 6.81 11.09 -26.57
N GLN B 46 7.77 11.67 -27.30
CA GLN B 46 7.80 11.59 -28.75
C GLN B 46 7.96 10.17 -29.29
N ASP B 47 8.47 9.27 -28.45
CA ASP B 47 8.85 7.94 -28.90
C ASP B 47 7.69 6.96 -28.95
N GLY B 48 6.49 7.41 -28.60
CA GLY B 48 5.36 6.52 -28.52
C GLY B 48 5.57 5.53 -27.39
N LEU B 49 5.84 6.05 -26.20
CA LEU B 49 5.99 5.23 -25.00
C LEU B 49 4.83 4.28 -24.74
N THR B 50 5.10 2.98 -24.90
CA THR B 50 4.15 1.96 -24.48
C THR B 50 4.24 1.87 -22.96
N GLN B 51 3.21 1.29 -22.35
CA GLN B 51 3.14 1.15 -20.90
C GLN B 51 4.36 0.38 -20.36
N ASN B 52 4.74 -0.66 -21.08
CA ASN B 52 5.85 -1.50 -20.65
C ASN B 52 7.21 -0.83 -20.84
N ASP B 53 7.30 0.11 -21.78
CA ASP B 53 8.55 0.85 -21.97
C ASP B 53 8.78 1.74 -20.76
N ILE B 54 7.67 2.27 -20.22
CA ILE B 54 7.73 3.04 -19.00
C ILE B 54 8.12 2.12 -17.86
N ALA B 55 7.55 0.91 -17.87
CA ALA B 55 7.90 -0.10 -16.87
C ALA B 55 9.41 -0.37 -16.86
N LYS B 56 10.01 -0.47 -18.05
CA LYS B 56 11.44 -0.74 -18.16
C LYS B 56 12.28 0.44 -17.73
N ALA B 57 11.85 1.63 -18.13
CA ALA B 57 12.59 2.86 -17.85
C ALA B 57 12.61 3.24 -16.38
N LEU B 58 11.47 3.07 -15.71
CA LEU B 58 11.37 3.43 -14.29
C LEU B 58 11.81 2.31 -13.35
N GLN B 59 12.12 1.14 -13.90
CA GLN B 59 12.49 -0.04 -13.12
C GLN B 59 11.37 -0.50 -12.19
N ARG B 60 10.13 -0.28 -12.59
CA ARG B 60 8.98 -0.79 -11.85
C ARG B 60 8.31 -1.92 -12.64
N THR B 61 7.41 -2.65 -11.99
CA THR B 61 6.73 -3.78 -12.62
C THR B 61 5.48 -3.33 -13.36
N GLY B 62 5.03 -4.15 -14.30
CA GLY B 62 3.83 -3.91 -15.07
C GLY B 62 2.60 -3.45 -14.30
N PRO B 63 2.16 -4.24 -13.30
CA PRO B 63 1.02 -3.86 -12.47
C PRO B 63 1.19 -2.51 -11.78
N THR B 64 2.35 -2.30 -11.14
CA THR B 64 2.68 -1.03 -10.52
C THR B 64 2.45 0.14 -11.47
N VAL B 65 3.06 0.04 -12.65
CA VAL B 65 2.95 1.08 -13.67
C VAL B 65 1.49 1.27 -14.06
N SER B 66 0.77 0.17 -14.17
CA SER B 66 -0.65 0.22 -14.53
C SER B 66 -1.45 1.03 -13.52
N ASN B 67 -1.17 0.80 -12.25
CA ASN B 67 -1.84 1.52 -11.18
C ASN B 67 -1.48 3.00 -11.16
N LEU B 68 -0.19 3.31 -11.28
CA LEU B 68 0.23 4.70 -11.25
C LEU B 68 -0.35 5.47 -12.44
N LEU B 69 -0.28 4.86 -13.62
CA LEU B 69 -0.78 5.46 -14.84
C LEU B 69 -2.29 5.67 -14.76
N ARG B 70 -2.98 4.66 -14.22
CA ARG B 70 -4.42 4.75 -14.03
C ARG B 70 -4.78 5.88 -13.07
N ASN B 71 -3.99 6.03 -12.01
CA ASN B 71 -4.11 7.18 -11.12
C ASN B 71 -3.95 8.50 -11.87
N LEU B 72 -2.88 8.65 -12.63
CA LEU B 72 -2.63 9.87 -13.39
C LEU B 72 -3.74 10.17 -14.39
N GLU B 73 -4.34 9.10 -14.93
CA GLU B 73 -5.38 9.24 -15.94
C GLU B 73 -6.67 9.68 -15.25
N ARG B 74 -6.89 9.17 -14.05
CA ARG B 74 -7.99 9.62 -13.21
C ARG B 74 -7.79 11.10 -12.90
N LYS B 75 -6.53 11.50 -12.80
CA LYS B 75 -6.19 12.89 -12.56
C LYS B 75 -6.29 13.71 -13.84
N LYS B 76 -6.56 13.02 -14.95
CA LYS B 76 -6.64 13.62 -16.28
C LYS B 76 -5.32 14.27 -16.73
N LEU B 77 -4.22 13.88 -16.08
CA LEU B 77 -2.91 14.39 -16.45
C LEU B 77 -2.30 13.67 -17.66
N ILE B 78 -2.91 12.56 -18.06
CA ILE B 78 -2.40 11.77 -19.18
C ILE B 78 -3.54 11.14 -19.97
N TYR B 79 -3.29 10.85 -21.24
CA TYR B 79 -4.24 10.11 -22.05
C TYR B 79 -3.67 8.76 -22.52
N ARG B 80 -4.60 7.84 -22.73
CA ARG B 80 -4.35 6.45 -23.07
C ARG B 80 -5.03 6.09 -24.39
N TYR B 81 -4.34 5.42 -25.30
CA TYR B 81 -5.07 4.96 -26.48
C TYR B 81 -4.49 3.64 -26.95
N VAL B 82 -5.21 2.91 -27.80
CA VAL B 82 -4.70 1.64 -28.29
C VAL B 82 -3.99 1.75 -29.63
N ASP B 83 -2.79 1.20 -29.69
CA ASP B 83 -1.97 1.23 -30.90
C ASP B 83 -2.72 0.60 -32.07
N ALA B 84 -2.40 1.02 -33.29
CA ALA B 84 -3.07 0.49 -34.47
C ALA B 84 -2.32 -0.73 -35.02
N GLN B 85 -1.00 -0.73 -34.88
CA GLN B 85 -0.19 -1.81 -35.40
C GLN B 85 -0.25 -3.04 -34.50
N ASP B 86 -0.44 -2.79 -33.20
CA ASP B 86 -0.49 -3.85 -32.20
C ASP B 86 -1.45 -3.47 -31.10
N THR B 87 -2.66 -4.04 -31.11
CA THR B 87 -3.71 -3.58 -30.22
C THR B 87 -3.69 -4.24 -28.84
N ARG B 88 -2.67 -5.07 -28.57
CA ARG B 88 -2.55 -5.66 -27.25
C ARG B 88 -1.72 -4.70 -26.41
N ARG B 89 -1.16 -3.71 -27.09
CA ARG B 89 -0.32 -2.70 -26.47
C ARG B 89 -0.99 -1.34 -26.56
N LYS B 90 -0.84 -0.51 -25.54
CA LYS B 90 -1.43 0.82 -25.59
C LYS B 90 -0.42 1.93 -25.31
N ASN B 91 -0.65 3.07 -25.95
CA ASN B 91 0.27 4.19 -25.94
C ASN B 91 -0.17 5.25 -24.94
N ILE B 92 0.83 5.94 -24.39
CA ILE B 92 0.67 6.88 -23.28
C ILE B 92 1.10 8.27 -23.69
N GLY B 93 0.36 9.29 -23.27
CA GLY B 93 0.70 10.65 -23.65
C GLY B 93 0.36 11.70 -22.61
N LEU B 94 1.19 12.72 -22.48
CA LEU B 94 0.89 13.84 -21.59
C LEU B 94 -0.26 14.69 -22.11
N THR B 95 -1.19 15.07 -21.23
CA THR B 95 -2.20 16.07 -21.58
C THR B 95 -1.65 17.47 -21.33
N THR B 96 -2.37 18.49 -21.79
CA THR B 96 -1.96 19.88 -21.55
C THR B 96 -1.91 20.25 -20.07
N SER B 97 -2.89 19.76 -19.31
CA SER B 97 -2.89 19.90 -17.86
C SER B 97 -1.60 19.33 -17.29
N GLY B 98 -1.28 18.12 -17.71
CA GLY B 98 -0.08 17.44 -17.28
C GLY B 98 1.19 18.21 -17.61
N ILE B 99 1.27 18.71 -18.85
CA ILE B 99 2.46 19.47 -19.28
C ILE B 99 2.64 20.73 -18.46
N LYS B 100 1.54 21.46 -18.26
CA LYS B 100 1.59 22.67 -17.43
C LYS B 100 2.04 22.30 -16.02
N LEU B 101 1.53 21.19 -15.51
CA LEU B 101 1.90 20.70 -14.19
C LEU B 101 3.40 20.43 -14.08
N VAL B 102 3.95 19.65 -15.02
CA VAL B 102 5.37 19.34 -15.05
C VAL B 102 6.22 20.60 -15.07
N GLU B 103 5.88 21.50 -15.99
CA GLU B 103 6.55 22.80 -16.08
C GLU B 103 6.48 23.55 -14.75
N ALA B 104 5.38 23.35 -14.02
CA ALA B 104 5.19 24.00 -12.73
C ALA B 104 6.02 23.41 -11.58
N PHE B 105 6.12 22.08 -11.51
CA PHE B 105 6.76 21.47 -10.34
C PHE B 105 8.24 21.09 -10.53
N THR B 106 8.70 20.96 -11.77
CA THR B 106 10.10 20.58 -12.05
C THR B 106 11.10 21.38 -11.19
N SER B 107 10.75 22.65 -10.95
CA SER B 107 11.54 23.55 -10.12
C SER B 107 11.82 22.97 -8.74
N ILE B 108 10.90 22.17 -8.19
CA ILE B 108 11.10 21.52 -6.91
C ILE B 108 12.23 20.49 -6.95
N PHE B 109 12.14 19.56 -7.88
CA PHE B 109 13.16 18.53 -8.06
C PHE B 109 14.53 19.17 -8.33
N ASP B 110 14.54 20.23 -9.13
CA ASP B 110 15.78 20.94 -9.40
C ASP B 110 16.32 21.61 -8.12
N GLU B 111 15.48 22.40 -7.45
CA GLU B 111 15.86 23.06 -6.20
C GLU B 111 16.42 22.11 -5.15
N MET B 112 15.89 20.89 -5.13
CA MET B 112 16.34 19.89 -4.16
C MET B 112 17.68 19.32 -4.59
N GLU B 113 17.76 18.93 -5.86
CA GLU B 113 18.98 18.36 -6.40
C GLU B 113 20.12 19.36 -6.20
N GLN B 114 19.78 20.64 -6.32
CA GLN B 114 20.71 21.75 -6.17
C GLN B 114 21.17 21.87 -4.73
N THR B 115 20.24 22.11 -3.82
CA THR B 115 20.59 22.24 -2.41
C THR B 115 21.28 20.99 -1.86
N LEU B 116 21.22 19.89 -2.61
CA LEU B 116 21.94 18.69 -2.22
C LEU B 116 23.38 18.69 -2.76
N VAL B 117 23.52 18.97 -4.07
CA VAL B 117 24.83 19.00 -4.73
C VAL B 117 25.77 20.09 -4.20
N SER B 118 25.21 21.22 -3.78
CA SER B 118 26.01 22.40 -3.48
C SER B 118 27.06 22.21 -2.39
N GLN B 119 26.71 21.51 -1.32
CA GLN B 119 27.63 21.33 -0.21
C GLN B 119 28.87 20.54 -0.62
N LEU B 120 28.65 19.47 -1.37
CA LEU B 120 29.72 18.63 -1.89
C LEU B 120 30.49 19.29 -3.04
N SER B 121 31.80 19.46 -2.87
CA SER B 121 32.64 20.04 -3.92
C SER B 121 32.48 19.28 -5.24
N GLU B 122 32.50 20.00 -6.36
CA GLU B 122 32.25 19.42 -7.68
C GLU B 122 33.08 18.17 -8.01
N GLU B 123 34.26 18.07 -7.39
CA GLU B 123 35.11 16.90 -7.56
C GLU B 123 34.54 15.76 -6.74
N GLU B 124 34.25 16.03 -5.48
CA GLU B 124 33.62 15.04 -4.61
C GLU B 124 32.27 14.64 -5.22
N ASN B 125 31.61 15.59 -5.87
CA ASN B 125 30.33 15.32 -6.52
C ASN B 125 30.47 14.33 -7.67
N GLU B 126 31.40 14.60 -8.57
CA GLU B 126 31.68 13.68 -9.68
C GLU B 126 32.05 12.29 -9.15
N GLN B 127 32.98 12.27 -8.20
CA GLN B 127 33.43 11.02 -7.60
C GLN B 127 32.27 10.24 -6.99
N MET B 128 31.33 10.96 -6.38
CA MET B 128 30.23 10.32 -5.67
C MET B 128 29.22 9.76 -6.64
N LYS B 129 28.88 10.51 -7.69
CA LYS B 129 27.95 10.00 -8.68
C LYS B 129 28.55 8.81 -9.41
N ALA B 130 29.89 8.82 -9.55
CA ALA B 130 30.60 7.71 -10.18
C ALA B 130 30.54 6.45 -9.32
N ASN B 131 30.88 6.58 -8.05
CA ASN B 131 30.82 5.45 -7.13
C ASN B 131 29.40 4.91 -6.96
N LEU B 132 28.44 5.82 -6.95
CA LEU B 132 27.03 5.47 -6.81
C LEU B 132 26.60 4.66 -8.03
N THR B 133 27.00 5.13 -9.20
CA THR B 133 26.73 4.42 -10.45
C THR B 133 27.35 3.03 -10.43
N LYS B 134 28.57 2.94 -9.89
CA LYS B 134 29.25 1.65 -9.74
C LYS B 134 28.44 0.68 -8.87
N MET B 135 27.97 1.18 -7.72
CA MET B 135 27.21 0.35 -6.79
C MET B 135 25.90 -0.12 -7.40
N LEU B 136 25.17 0.81 -8.01
CA LEU B 136 23.90 0.46 -8.62
C LEU B 136 24.16 -0.54 -9.74
N SER B 137 25.32 -0.40 -10.38
CA SER B 137 25.73 -1.32 -11.44
C SER B 137 25.84 -2.70 -10.82
N SER B 138 26.43 -2.74 -9.63
CA SER B 138 26.72 -4.01 -8.96
C SER B 138 25.42 -4.74 -8.63
N LEU B 139 24.49 -4.03 -7.99
CA LEU B 139 23.22 -4.66 -7.60
C LEU B 139 22.41 -5.11 -8.81
N GLN B 140 22.52 -4.38 -9.92
CA GLN B 140 21.80 -4.71 -11.13
C GLN B 140 22.33 -6.00 -11.76
N GLU E 3 -37.09 25.46 -47.27
CA GLU E 3 -37.39 26.30 -46.11
C GLU E 3 -36.11 26.71 -45.38
N PHE E 4 -34.98 26.15 -45.81
CA PHE E 4 -33.69 26.49 -45.21
C PHE E 4 -32.69 27.01 -46.24
N THR E 5 -32.02 28.10 -45.91
CA THR E 5 -31.00 28.67 -46.77
C THR E 5 -29.76 27.79 -46.78
N TYR E 6 -28.89 27.97 -47.78
CA TYR E 6 -27.66 27.21 -47.88
C TYR E 6 -26.70 27.56 -46.75
N SER E 7 -26.71 28.83 -46.35
CA SER E 7 -25.88 29.30 -45.24
C SER E 7 -26.19 28.50 -43.99
N TYR E 8 -27.47 28.42 -43.64
CA TYR E 8 -27.93 27.64 -42.50
C TYR E 8 -27.43 26.21 -42.55
N LEU E 9 -27.80 25.51 -43.62
CA LEU E 9 -27.44 24.10 -43.83
C LEU E 9 -25.95 23.80 -43.72
N PHE E 10 -25.11 24.63 -44.35
CA PHE E 10 -23.67 24.39 -44.29
C PHE E 10 -23.10 24.74 -42.92
N ARG E 11 -23.47 25.91 -42.42
CA ARG E 11 -23.02 26.40 -41.12
C ARG E 11 -23.39 25.44 -39.99
N MET E 12 -24.44 24.65 -40.20
CA MET E 12 -24.90 23.71 -39.20
C MET E 12 -24.30 22.32 -39.38
N ILE E 13 -24.30 21.81 -40.60
CA ILE E 13 -23.68 20.52 -40.91
C ILE E 13 -22.19 20.50 -40.53
N SER E 14 -21.47 21.56 -40.90
CA SER E 14 -20.05 21.64 -40.57
C SER E 14 -19.86 21.55 -39.06
N HIS E 15 -20.69 22.32 -38.34
CA HIS E 15 -20.63 22.38 -36.89
C HIS E 15 -20.86 21.01 -36.25
N GLU E 16 -21.90 20.31 -36.73
CA GLU E 16 -22.20 18.97 -36.23
C GLU E 16 -21.07 17.98 -36.50
N MET E 17 -20.48 18.03 -37.70
CA MET E 17 -19.36 17.16 -38.03
C MET E 17 -18.18 17.44 -37.10
N LYS E 18 -17.94 18.72 -36.87
CA LYS E 18 -16.92 19.18 -35.95
C LYS E 18 -17.12 18.59 -34.56
N GLN E 19 -18.32 18.73 -34.01
CA GLN E 19 -18.58 18.25 -32.66
C GLN E 19 -18.49 16.73 -32.54
N LYS E 20 -19.06 16.01 -33.50
CA LYS E 20 -18.99 14.55 -33.48
C LYS E 20 -17.54 14.06 -33.59
N ALA E 21 -16.74 14.85 -34.32
CA ALA E 21 -15.34 14.52 -34.49
C ALA E 21 -14.60 14.77 -33.20
N ASP E 22 -14.82 15.93 -32.59
CA ASP E 22 -14.21 16.28 -31.31
C ASP E 22 -14.49 15.19 -30.28
N GLN E 23 -15.78 14.87 -30.13
CA GLN E 23 -16.22 13.88 -29.16
C GLN E 23 -15.59 12.52 -29.40
N LYS E 24 -15.35 12.16 -30.66
CA LYS E 24 -14.75 10.85 -30.91
C LYS E 24 -13.22 10.90 -30.81
N LEU E 25 -12.67 12.11 -30.92
CA LEU E 25 -11.23 12.35 -30.83
C LEU E 25 -10.73 12.67 -29.43
N GLU E 26 -11.64 12.79 -28.46
CA GLU E 26 -11.24 13.15 -27.10
C GLU E 26 -10.26 12.15 -26.46
N GLN E 27 -10.34 10.89 -26.86
CA GLN E 27 -9.44 9.88 -26.30
C GLN E 27 -8.04 9.95 -26.90
N PHE E 28 -7.80 10.96 -27.73
CA PHE E 28 -6.48 11.18 -28.29
C PHE E 28 -5.98 12.58 -27.91
N ASP E 29 -6.75 13.24 -27.05
CA ASP E 29 -6.47 14.60 -26.58
C ASP E 29 -6.14 15.60 -27.70
N ILE E 30 -6.70 15.37 -28.89
CA ILE E 30 -6.57 16.33 -29.97
C ILE E 30 -7.93 16.83 -30.47
N THR E 31 -7.96 18.08 -30.91
CA THR E 31 -9.15 18.64 -31.55
C THR E 31 -9.19 18.17 -33.00
N ASN E 32 -10.30 18.43 -33.69
CA ASN E 32 -10.44 17.94 -35.05
C ASN E 32 -9.51 18.67 -36.02
N GLU E 33 -9.28 19.96 -35.79
CA GLU E 33 -8.34 20.73 -36.59
C GLU E 33 -6.95 20.10 -36.52
N GLN E 34 -6.56 19.73 -35.30
CA GLN E 34 -5.29 19.06 -35.08
C GLN E 34 -5.26 17.71 -35.80
N GLY E 35 -6.34 16.95 -35.68
CA GLY E 35 -6.44 15.65 -36.33
C GLY E 35 -6.28 15.74 -37.84
N HIS E 36 -6.89 16.75 -38.44
CA HIS E 36 -6.81 16.93 -39.89
C HIS E 36 -5.42 17.38 -40.30
N THR E 37 -4.86 18.35 -39.56
CA THR E 37 -3.51 18.82 -39.84
C THR E 37 -2.51 17.68 -39.77
N LEU E 38 -2.64 16.85 -38.73
CA LEU E 38 -1.84 15.66 -38.57
C LEU E 38 -1.99 14.71 -39.75
N GLY E 39 -3.24 14.41 -40.12
CA GLY E 39 -3.49 13.55 -41.25
C GLY E 39 -2.83 14.05 -42.52
N TYR E 40 -2.90 15.37 -42.72
CA TYR E 40 -2.30 16.00 -43.90
C TYR E 40 -0.79 15.84 -43.88
N LEU E 41 -0.19 16.04 -42.71
CA LEU E 41 1.25 15.81 -42.56
C LEU E 41 1.59 14.37 -42.90
N TYR E 42 0.83 13.44 -42.34
CA TYR E 42 1.04 12.01 -42.57
C TYR E 42 1.01 11.69 -44.06
N ALA E 43 0.07 12.30 -44.77
CA ALA E 43 -0.09 12.03 -46.19
C ALA E 43 0.95 12.73 -47.05
N HIS E 44 1.49 13.85 -46.58
CA HIS E 44 2.36 14.65 -47.43
C HIS E 44 3.69 15.06 -46.78
N GLN E 45 4.13 14.33 -45.76
CA GLN E 45 5.37 14.69 -45.08
C GLN E 45 6.58 14.50 -46.00
N GLN E 46 6.46 13.56 -46.94
CA GLN E 46 7.54 13.24 -47.87
C GLN E 46 7.98 14.47 -48.63
N ASP E 47 7.03 15.31 -49.00
CA ASP E 47 7.31 16.52 -49.76
C ASP E 47 7.95 17.58 -48.87
N GLY E 48 8.61 18.54 -49.50
CA GLY E 48 9.20 19.65 -48.79
C GLY E 48 8.09 20.62 -48.44
N LEU E 49 7.60 20.54 -47.21
CA LEU E 49 6.46 21.36 -46.82
C LEU E 49 6.81 22.29 -45.66
N THR E 50 6.21 23.47 -45.71
CA THR E 50 6.59 24.59 -44.88
C THR E 50 5.32 25.16 -44.24
N GLN E 51 5.45 25.96 -43.18
CA GLN E 51 4.27 26.47 -42.47
C GLN E 51 3.31 27.16 -43.44
N ASN E 52 3.88 27.86 -44.41
CA ASN E 52 3.10 28.57 -45.40
C ASN E 52 2.41 27.59 -46.34
N ASP E 53 3.12 26.51 -46.66
CA ASP E 53 2.58 25.44 -47.50
C ASP E 53 1.32 24.87 -46.86
N ILE E 54 1.43 24.50 -45.58
CA ILE E 54 0.30 23.96 -44.84
C ILE E 54 -0.81 25.00 -44.75
N ALA E 55 -0.41 26.26 -44.56
CA ALA E 55 -1.36 27.38 -44.48
C ALA E 55 -2.25 27.43 -45.71
N LYS E 56 -1.61 27.44 -46.88
CA LYS E 56 -2.31 27.47 -48.16
C LYS E 56 -3.13 26.21 -48.39
N ALA E 57 -2.55 25.05 -48.06
CA ALA E 57 -3.21 23.77 -48.28
C ALA E 57 -4.48 23.59 -47.45
N LEU E 58 -4.51 24.19 -46.27
CA LEU E 58 -5.65 24.03 -45.38
C LEU E 58 -6.49 25.30 -45.34
N GLN E 59 -6.13 26.26 -46.20
CA GLN E 59 -6.85 27.52 -46.32
C GLN E 59 -6.94 28.24 -44.98
N ARG E 60 -5.78 28.44 -44.35
CA ARG E 60 -5.70 29.19 -43.11
C ARG E 60 -4.67 30.30 -43.18
N THR E 61 -4.79 31.28 -42.30
CA THR E 61 -3.86 32.40 -42.26
C THR E 61 -2.56 32.00 -41.58
N GLY E 62 -1.57 32.88 -41.63
CA GLY E 62 -0.26 32.63 -41.06
C GLY E 62 -0.28 32.39 -39.56
N PRO E 63 -0.66 33.41 -38.78
CA PRO E 63 -0.78 33.32 -37.32
C PRO E 63 -1.57 32.11 -36.84
N THR E 64 -2.62 31.74 -37.58
CA THR E 64 -3.44 30.60 -37.20
C THR E 64 -2.67 29.29 -37.26
N VAL E 65 -2.02 29.03 -38.39
CA VAL E 65 -1.24 27.81 -38.54
C VAL E 65 -0.05 27.84 -37.59
N SER E 66 0.43 29.04 -37.27
CA SER E 66 1.53 29.20 -36.34
C SER E 66 1.11 28.70 -34.97
N ASN E 67 0.01 29.27 -34.46
CA ASN E 67 -0.54 28.90 -33.16
C ASN E 67 -0.87 27.41 -33.07
N LEU E 68 -1.47 26.89 -34.14
CA LEU E 68 -1.84 25.49 -34.19
C LEU E 68 -0.63 24.56 -34.15
N LEU E 69 0.37 24.85 -34.99
CA LEU E 69 1.58 24.05 -35.00
C LEU E 69 2.31 24.16 -33.66
N ARG E 70 2.19 25.32 -33.03
CA ARG E 70 2.81 25.55 -31.73
C ARG E 70 2.18 24.63 -30.69
N ASN E 71 0.85 24.64 -30.64
CA ASN E 71 0.10 23.77 -29.74
C ASN E 71 0.41 22.29 -29.99
N LEU E 72 0.53 21.93 -31.26
CA LEU E 72 0.93 20.57 -31.63
C LEU E 72 2.33 20.22 -31.14
N GLU E 73 3.25 21.18 -31.22
CA GLU E 73 4.63 20.95 -30.83
C GLU E 73 4.75 20.85 -29.31
N ARG E 74 3.89 21.54 -28.58
CA ARG E 74 3.84 21.39 -27.13
C ARG E 74 3.48 19.96 -26.74
N LYS E 75 2.63 19.32 -27.54
CA LYS E 75 2.26 17.95 -27.27
C LYS E 75 3.31 17.01 -27.86
N LYS E 76 4.27 17.61 -28.56
CA LYS E 76 5.39 16.88 -29.16
C LYS E 76 4.93 15.86 -30.20
N LEU E 77 3.82 16.15 -30.86
CA LEU E 77 3.32 15.31 -31.95
C LEU E 77 4.02 15.66 -33.26
N ILE E 78 4.62 16.84 -33.31
CA ILE E 78 5.36 17.28 -34.48
C ILE E 78 6.69 17.90 -34.07
N TYR E 79 7.55 18.17 -35.05
CA TYR E 79 8.81 18.85 -34.79
C TYR E 79 9.18 19.80 -35.91
N ARG E 80 9.69 20.98 -35.52
CA ARG E 80 10.00 22.07 -36.44
C ARG E 80 11.49 22.38 -36.46
N TYR E 81 12.19 21.94 -37.50
CA TYR E 81 13.60 22.28 -37.62
C TYR E 81 13.82 23.34 -38.69
N VAL E 82 14.72 24.27 -38.41
CA VAL E 82 15.03 25.36 -39.34
C VAL E 82 15.80 24.85 -40.55
N GLN E 85 18.62 24.66 -44.43
CA GLN E 85 18.70 25.31 -45.73
C GLN E 85 18.50 26.81 -45.62
N ASP E 86 17.25 27.22 -45.41
CA ASP E 86 16.94 28.63 -45.20
C ASP E 86 16.78 28.94 -43.72
N THR E 87 16.85 30.22 -43.37
CA THR E 87 16.73 30.65 -41.98
C THR E 87 15.29 31.01 -41.62
N ARG E 88 14.70 31.89 -42.42
CA ARG E 88 13.34 32.39 -42.16
C ARG E 88 12.27 31.33 -42.40
N ARG E 89 12.62 30.28 -43.13
CA ARG E 89 11.70 29.16 -43.35
C ARG E 89 11.71 28.19 -42.17
N LYS E 90 10.81 27.21 -42.20
CA LYS E 90 10.73 26.19 -41.16
C LYS E 90 10.06 24.93 -41.68
N ASN E 91 10.73 23.80 -41.51
CA ASN E 91 10.20 22.51 -41.95
C ASN E 91 9.42 21.80 -40.86
N ILE E 92 8.28 21.23 -41.23
CA ILE E 92 7.39 20.59 -40.26
C ILE E 92 7.36 19.09 -40.46
N GLY E 93 7.61 18.32 -39.39
CA GLY E 93 7.63 16.88 -39.51
C GLY E 93 6.82 16.17 -38.43
N LEU E 94 6.39 14.95 -38.72
CA LEU E 94 5.67 14.13 -37.75
C LEU E 94 6.61 13.37 -36.82
N THR E 95 6.38 13.44 -35.52
CA THR E 95 7.12 12.62 -34.56
C THR E 95 6.54 11.21 -34.57
N THR E 96 7.25 10.26 -33.98
CA THR E 96 6.78 8.89 -33.92
C THR E 96 5.41 8.78 -33.25
N SER E 97 5.24 9.52 -32.15
CA SER E 97 3.99 9.53 -31.43
C SER E 97 2.88 10.15 -32.29
N GLY E 98 3.27 11.07 -33.16
CA GLY E 98 2.34 11.68 -34.09
C GLY E 98 1.82 10.72 -35.13
N ILE E 99 2.71 9.97 -35.78
CA ILE E 99 2.29 9.02 -36.80
C ILE E 99 1.52 7.85 -36.16
N LYS E 100 1.90 7.49 -34.94
CA LYS E 100 1.20 6.41 -34.25
C LYS E 100 -0.15 6.92 -33.74
N LEU E 101 -0.28 8.23 -33.64
CA LEU E 101 -1.55 8.85 -33.30
C LEU E 101 -2.48 8.79 -34.52
N VAL E 102 -1.94 9.28 -35.64
CA VAL E 102 -2.67 9.33 -36.91
C VAL E 102 -3.20 7.97 -37.32
N GLU E 103 -2.32 6.97 -37.30
CA GLU E 103 -2.68 5.60 -37.64
C GLU E 103 -3.87 5.10 -36.81
N ALA E 104 -4.05 5.67 -35.63
CA ALA E 104 -5.12 5.22 -34.74
C ALA E 104 -6.41 6.03 -34.93
N PHE E 105 -6.31 7.35 -35.02
CA PHE E 105 -7.53 8.16 -35.10
C PHE E 105 -8.14 8.33 -36.50
N THR E 106 -7.35 8.12 -37.56
CA THR E 106 -7.89 8.26 -38.93
C THR E 106 -9.18 7.45 -39.17
N SER E 107 -9.27 6.31 -38.49
CA SER E 107 -10.44 5.44 -38.53
C SER E 107 -11.74 6.20 -38.31
N ILE E 108 -11.68 7.26 -37.51
CA ILE E 108 -12.86 8.03 -37.15
C ILE E 108 -13.35 8.83 -38.35
N PHE E 109 -12.44 9.58 -38.95
CA PHE E 109 -12.77 10.37 -40.13
C PHE E 109 -13.33 9.45 -41.22
N ASP E 110 -12.72 8.27 -41.36
CA ASP E 110 -13.24 7.30 -42.31
C ASP E 110 -14.65 6.80 -41.97
N GLU E 111 -14.96 6.66 -40.69
CA GLU E 111 -16.31 6.20 -40.30
C GLU E 111 -17.34 7.28 -40.55
N MET E 112 -17.00 8.53 -40.24
CA MET E 112 -17.91 9.64 -40.47
C MET E 112 -18.22 9.76 -41.96
N GLU E 113 -17.17 9.73 -42.77
CA GLU E 113 -17.32 9.73 -44.22
C GLU E 113 -18.19 8.58 -44.71
N GLN E 114 -17.96 7.39 -44.17
CA GLN E 114 -18.68 6.20 -44.62
C GLN E 114 -20.16 6.26 -44.25
N THR E 115 -20.46 6.81 -43.07
CA THR E 115 -21.85 6.99 -42.68
C THR E 115 -22.52 8.02 -43.58
N LEU E 116 -21.82 9.10 -43.87
CA LEU E 116 -22.35 10.13 -44.76
C LEU E 116 -22.68 9.58 -46.15
N VAL E 117 -21.74 8.85 -46.75
CA VAL E 117 -21.97 8.30 -48.08
C VAL E 117 -22.96 7.14 -48.10
N SER E 118 -23.10 6.43 -46.98
CA SER E 118 -24.09 5.36 -46.91
C SER E 118 -25.50 5.92 -46.88
N GLN E 119 -25.65 7.13 -46.36
CA GLN E 119 -26.94 7.80 -46.29
C GLN E 119 -27.55 8.09 -47.66
N LEU E 120 -26.69 8.18 -48.68
CA LEU E 120 -27.14 8.49 -50.03
C LEU E 120 -26.82 7.40 -51.03
N SER E 121 -27.54 7.41 -52.15
CA SER E 121 -27.30 6.46 -53.23
C SER E 121 -26.01 6.82 -53.94
N GLU E 122 -25.41 5.83 -54.62
CA GLU E 122 -24.13 6.01 -55.30
C GLU E 122 -24.17 7.12 -56.33
N GLU E 123 -25.13 7.05 -57.24
CA GLU E 123 -25.33 8.10 -58.25
C GLU E 123 -25.61 9.43 -57.55
N GLU E 124 -26.50 9.37 -56.57
CA GLU E 124 -26.89 10.54 -55.79
C GLU E 124 -25.67 11.14 -55.09
N ASN E 125 -24.76 10.25 -54.68
CA ASN E 125 -23.53 10.69 -54.01
C ASN E 125 -22.62 11.42 -54.99
N GLU E 126 -22.40 10.80 -56.15
CA GLU E 126 -21.55 11.40 -57.19
C GLU E 126 -22.07 12.78 -57.56
N GLN E 127 -23.37 12.86 -57.79
CA GLN E 127 -24.04 14.13 -58.10
C GLN E 127 -23.78 15.14 -56.99
N MET E 128 -24.07 14.72 -55.76
CA MET E 128 -23.96 15.62 -54.60
C MET E 128 -22.56 16.22 -54.49
N LYS E 129 -21.54 15.37 -54.55
CA LYS E 129 -20.16 15.82 -54.46
C LYS E 129 -19.82 16.76 -55.61
N ALA E 130 -20.28 16.41 -56.82
CA ALA E 130 -20.07 17.25 -57.99
C ALA E 130 -20.61 18.67 -57.78
N ASN E 131 -21.88 18.77 -57.39
CA ASN E 131 -22.49 20.07 -57.16
C ASN E 131 -21.76 20.83 -56.05
N LEU E 132 -21.41 20.11 -54.99
CA LEU E 132 -20.70 20.71 -53.87
C LEU E 132 -19.41 21.36 -54.33
N THR E 133 -18.56 20.61 -55.03
CA THR E 133 -17.27 21.16 -55.47
C THR E 133 -17.48 22.26 -56.51
N LYS E 134 -18.60 22.20 -57.22
CA LYS E 134 -18.97 23.31 -58.10
C LYS E 134 -19.16 24.60 -57.30
N MET E 135 -19.97 24.51 -56.24
CA MET E 135 -20.23 25.67 -55.38
C MET E 135 -18.94 26.15 -54.73
N LEU E 136 -18.09 25.20 -54.35
CA LEU E 136 -16.79 25.49 -53.78
C LEU E 136 -16.02 26.37 -54.76
N SER E 137 -15.87 25.87 -55.98
CA SER E 137 -15.12 26.59 -57.01
C SER E 137 -15.75 27.94 -57.32
N SER E 138 -17.04 28.07 -57.04
CA SER E 138 -17.74 29.34 -57.23
C SER E 138 -17.37 30.36 -56.16
N LEU E 139 -17.42 29.94 -54.90
CA LEU E 139 -17.10 30.82 -53.78
C LEU E 139 -15.66 31.33 -53.83
N GLN E 140 -14.76 30.54 -54.41
CA GLN E 140 -13.37 30.92 -54.53
C GLN E 140 -13.19 32.07 -55.52
N SER F 1 -10.12 7.38 -53.26
CA SER F 1 -8.80 7.98 -53.25
C SER F 1 -8.80 9.37 -53.89
N ASN F 2 -9.95 10.03 -53.82
CA ASN F 2 -10.09 11.37 -54.40
C ASN F 2 -9.65 12.46 -53.42
N GLU F 3 -9.71 12.14 -52.14
CA GLU F 3 -9.39 13.07 -51.05
C GLU F 3 -10.33 14.30 -51.10
N PHE F 4 -11.47 14.14 -51.77
CA PHE F 4 -12.42 15.23 -51.91
C PHE F 4 -13.66 14.94 -51.08
N THR F 5 -13.42 14.29 -49.93
CA THR F 5 -14.45 13.78 -49.05
C THR F 5 -15.35 14.87 -48.47
N TYR F 6 -16.53 14.48 -48.00
CA TYR F 6 -17.55 15.44 -47.58
C TYR F 6 -17.06 16.38 -46.49
N SER F 7 -16.25 15.86 -45.57
CA SER F 7 -15.64 16.69 -44.52
C SER F 7 -14.93 17.89 -45.13
N TYR F 8 -14.05 17.60 -46.08
CA TYR F 8 -13.30 18.60 -46.83
C TYR F 8 -14.21 19.65 -47.47
N LEU F 9 -15.22 19.19 -48.21
CA LEU F 9 -16.13 20.06 -48.92
C LEU F 9 -16.93 20.97 -47.99
N PHE F 10 -17.60 20.37 -47.00
CA PHE F 10 -18.42 21.14 -46.07
C PHE F 10 -17.59 22.13 -45.26
N ARG F 11 -16.43 21.68 -44.78
CA ARG F 11 -15.56 22.55 -44.00
C ARG F 11 -15.09 23.74 -44.85
N MET F 12 -14.58 23.44 -46.04
CA MET F 12 -14.02 24.48 -46.90
C MET F 12 -15.09 25.49 -47.33
N ILE F 13 -16.27 24.98 -47.70
CA ILE F 13 -17.38 25.85 -48.07
C ILE F 13 -17.77 26.75 -46.90
N SER F 14 -17.97 26.12 -45.74
CA SER F 14 -18.38 26.86 -44.55
C SER F 14 -17.40 27.97 -44.24
N HIS F 15 -16.12 27.64 -44.27
CA HIS F 15 -15.08 28.62 -43.97
C HIS F 15 -15.04 29.73 -45.01
N GLU F 16 -15.22 29.38 -46.28
CA GLU F 16 -15.19 30.39 -47.33
C GLU F 16 -16.33 31.38 -47.16
N MET F 17 -17.51 30.84 -46.86
CA MET F 17 -18.70 31.65 -46.61
C MET F 17 -18.50 32.57 -45.42
N LYS F 18 -18.02 32.01 -44.32
CA LYS F 18 -17.73 32.79 -43.12
C LYS F 18 -16.72 33.91 -43.40
N GLN F 19 -15.71 33.59 -44.20
CA GLN F 19 -14.67 34.54 -44.55
C GLN F 19 -15.23 35.70 -45.36
N LYS F 20 -15.92 35.39 -46.45
CA LYS F 20 -16.50 36.42 -47.31
C LYS F 20 -17.48 37.29 -46.53
N ALA F 21 -18.41 36.64 -45.82
CA ALA F 21 -19.38 37.35 -45.00
C ALA F 21 -18.70 38.30 -44.03
N ASP F 22 -17.72 37.77 -43.29
CA ASP F 22 -17.01 38.55 -42.29
C ASP F 22 -16.33 39.76 -42.93
N GLN F 23 -15.68 39.53 -44.06
CA GLN F 23 -14.94 40.57 -44.76
C GLN F 23 -15.87 41.68 -45.23
N LYS F 24 -17.07 41.30 -45.69
CA LYS F 24 -18.03 42.29 -46.15
C LYS F 24 -18.74 42.99 -44.99
N LEU F 25 -18.75 42.35 -43.83
CA LEU F 25 -19.43 42.87 -42.65
C LEU F 25 -18.53 43.74 -41.78
N GLU F 26 -17.25 43.80 -42.12
CA GLU F 26 -16.25 44.53 -41.33
C GLU F 26 -16.57 46.00 -41.09
N GLN F 27 -17.46 46.57 -41.89
CA GLN F 27 -17.80 47.99 -41.76
C GLN F 27 -18.95 48.23 -40.78
N PHE F 28 -19.54 47.14 -40.28
CA PHE F 28 -20.64 47.24 -39.33
C PHE F 28 -20.20 46.89 -37.91
N ASP F 29 -18.90 46.59 -37.76
CA ASP F 29 -18.31 46.20 -36.49
C ASP F 29 -19.02 45.00 -35.87
N ILE F 30 -19.51 44.10 -36.74
CA ILE F 30 -20.14 42.87 -36.28
C ILE F 30 -19.58 41.67 -37.04
N THR F 31 -19.61 40.51 -36.41
CA THR F 31 -19.16 39.28 -37.07
C THR F 31 -20.31 38.56 -37.78
N ASN F 32 -19.98 37.45 -38.42
CA ASN F 32 -20.95 36.61 -39.11
C ASN F 32 -22.04 36.11 -38.16
N GLU F 33 -21.60 35.56 -37.04
CA GLU F 33 -22.47 34.97 -36.04
C GLU F 33 -23.38 36.01 -35.41
N GLN F 34 -22.81 37.15 -35.02
CA GLN F 34 -23.60 38.26 -34.50
C GLN F 34 -24.61 38.70 -35.55
N GLY F 35 -24.19 38.60 -36.82
CA GLY F 35 -25.05 38.90 -37.94
C GLY F 35 -26.29 38.01 -38.00
N HIS F 36 -26.08 36.70 -37.96
CA HIS F 36 -27.20 35.77 -38.05
CA HIS F 36 -27.20 35.77 -38.05
C HIS F 36 -28.04 35.79 -36.77
N THR F 37 -27.42 36.17 -35.66
CA THR F 37 -28.12 36.30 -34.39
C THR F 37 -29.10 37.47 -34.44
N LEU F 38 -28.56 38.64 -34.79
CA LEU F 38 -29.39 39.83 -34.97
C LEU F 38 -30.49 39.60 -36.00
N GLY F 39 -30.13 38.92 -37.10
CA GLY F 39 -31.09 38.62 -38.14
C GLY F 39 -32.20 37.70 -37.66
N TYR F 40 -31.83 36.69 -36.88
CA TYR F 40 -32.80 35.75 -36.33
C TYR F 40 -33.71 36.45 -35.34
N LEU F 41 -33.16 37.45 -34.65
CA LEU F 41 -33.97 38.24 -33.72
C LEU F 41 -34.95 39.10 -34.49
N TYR F 42 -34.51 39.65 -35.63
CA TYR F 42 -35.37 40.51 -36.42
C TYR F 42 -36.47 39.69 -37.07
N ALA F 43 -36.17 38.42 -37.34
CA ALA F 43 -37.16 37.49 -37.85
C ALA F 43 -38.18 37.04 -36.81
N HIS F 44 -37.71 36.69 -35.62
CA HIS F 44 -38.57 36.00 -34.64
C HIS F 44 -38.77 36.74 -33.32
N GLN F 45 -38.61 38.06 -33.34
CA GLN F 45 -38.70 38.87 -32.12
C GLN F 45 -40.07 38.74 -31.46
N GLN F 46 -41.12 38.70 -32.27
CA GLN F 46 -42.49 38.71 -31.77
C GLN F 46 -42.93 37.36 -31.19
N ASP F 47 -41.97 36.51 -30.83
CA ASP F 47 -42.29 35.20 -30.27
C ASP F 47 -41.86 35.08 -28.81
N GLY F 48 -41.32 36.16 -28.27
CA GLY F 48 -40.85 36.17 -26.89
C GLY F 48 -39.71 35.17 -26.69
N LEU F 49 -38.66 35.33 -27.48
CA LEU F 49 -37.51 34.43 -27.45
C LEU F 49 -36.66 34.59 -26.19
N THR F 50 -36.39 33.47 -25.53
CA THR F 50 -35.51 33.45 -24.38
C THR F 50 -34.11 33.01 -24.81
N GLN F 51 -33.15 33.07 -23.89
CA GLN F 51 -31.78 32.68 -24.21
C GLN F 51 -31.70 31.20 -24.60
N ASN F 52 -32.52 30.38 -23.98
CA ASN F 52 -32.50 28.94 -24.24
C ASN F 52 -33.08 28.62 -25.63
N ASP F 53 -34.11 29.37 -26.01
CA ASP F 53 -34.71 29.20 -27.33
C ASP F 53 -33.70 29.57 -28.40
N ILE F 54 -32.94 30.63 -28.16
CA ILE F 54 -31.90 31.07 -29.08
C ILE F 54 -30.81 30.01 -29.14
N ALA F 55 -30.47 29.46 -27.99
CA ALA F 55 -29.45 28.42 -27.90
C ALA F 55 -29.84 27.21 -28.76
N LYS F 56 -31.09 26.77 -28.61
CA LYS F 56 -31.57 25.63 -29.38
C LYS F 56 -31.75 25.95 -30.86
N ALA F 57 -31.97 27.22 -31.16
CA ALA F 57 -32.20 27.65 -32.54
C ALA F 57 -30.94 27.61 -33.39
N LEU F 58 -29.87 28.22 -32.90
CA LEU F 58 -28.61 28.29 -33.64
C LEU F 58 -27.71 27.11 -33.36
N GLN F 59 -28.22 26.12 -32.63
CA GLN F 59 -27.46 24.92 -32.27
C GLN F 59 -26.19 25.28 -31.51
N ARG F 60 -26.35 26.06 -30.44
CA ARG F 60 -25.23 26.51 -29.64
C ARG F 60 -25.47 26.20 -28.17
N THR F 61 -24.39 26.17 -27.39
CA THR F 61 -24.49 25.93 -25.96
C THR F 61 -24.85 27.21 -25.20
N GLY F 62 -25.21 27.05 -23.93
CA GLY F 62 -25.56 28.16 -23.07
C GLY F 62 -24.51 29.25 -22.93
N PRO F 63 -23.27 28.89 -22.57
CA PRO F 63 -22.23 29.91 -22.39
C PRO F 63 -21.93 30.67 -23.69
N THR F 64 -21.98 29.97 -24.81
CA THR F 64 -21.70 30.58 -26.10
C THR F 64 -22.70 31.70 -26.41
N VAL F 65 -23.98 31.35 -26.30
CA VAL F 65 -25.05 32.30 -26.53
C VAL F 65 -25.01 33.42 -25.49
N SER F 66 -24.57 33.09 -24.28
CA SER F 66 -24.45 34.10 -23.23
C SER F 66 -23.40 35.13 -23.61
N ASN F 67 -22.28 34.65 -24.15
CA ASN F 67 -21.18 35.52 -24.56
C ASN F 67 -21.59 36.38 -25.75
N LEU F 68 -22.23 35.74 -26.74
CA LEU F 68 -22.69 36.41 -27.94
C LEU F 68 -23.66 37.54 -27.58
N LEU F 69 -24.73 37.18 -26.89
CA LEU F 69 -25.74 38.13 -26.43
C LEU F 69 -25.13 39.22 -25.57
N ARG F 70 -24.11 38.86 -24.78
CA ARG F 70 -23.39 39.85 -24.00
C ARG F 70 -22.75 40.89 -24.91
N ASN F 71 -22.01 40.41 -25.92
CA ASN F 71 -21.34 41.28 -26.88
C ASN F 71 -22.32 42.19 -27.61
N LEU F 72 -23.44 41.62 -28.05
CA LEU F 72 -24.47 42.40 -28.72
C LEU F 72 -25.09 43.43 -27.78
N GLU F 73 -25.19 43.06 -26.49
CA GLU F 73 -25.77 43.95 -25.49
C GLU F 73 -24.86 45.13 -25.18
N ARG F 74 -23.55 44.90 -25.18
CA ARG F 74 -22.59 45.97 -24.90
C ARG F 74 -22.69 47.06 -25.96
N LYS F 75 -22.86 46.65 -27.21
CA LYS F 75 -23.01 47.58 -28.32
C LYS F 75 -24.40 48.22 -28.33
N LYS F 76 -25.19 47.91 -27.30
CA LYS F 76 -26.52 48.48 -27.11
C LYS F 76 -27.50 48.10 -28.22
N LEU F 77 -27.14 47.10 -29.02
CA LEU F 77 -27.97 46.66 -30.13
C LEU F 77 -29.19 45.85 -29.67
N ILE F 78 -29.24 45.51 -28.38
CA ILE F 78 -30.26 44.59 -27.87
C ILE F 78 -30.76 45.01 -26.49
N TYR F 79 -32.08 44.92 -26.28
CA TYR F 79 -32.63 45.15 -24.95
C TYR F 79 -33.21 43.83 -24.40
N ARG F 80 -33.75 43.88 -23.19
CA ARG F 80 -34.35 42.70 -22.56
C ARG F 80 -35.67 43.02 -21.88
N TYR F 81 -36.65 42.13 -22.03
CA TYR F 81 -37.98 42.31 -21.43
C TYR F 81 -38.54 41.01 -20.87
N VAL F 82 -39.33 41.11 -19.81
CA VAL F 82 -39.85 39.93 -19.12
C VAL F 82 -40.95 39.21 -19.90
N ASP F 83 -40.88 37.89 -19.92
CA ASP F 83 -41.89 37.06 -20.57
C ASP F 83 -43.14 36.89 -19.70
N ALA F 84 -44.19 36.32 -20.30
CA ALA F 84 -45.44 36.11 -19.58
C ALA F 84 -45.51 34.69 -19.00
N GLN F 85 -44.82 33.76 -19.65
CA GLN F 85 -44.79 32.37 -19.19
C GLN F 85 -44.17 32.28 -17.80
N ASP F 86 -42.90 32.64 -17.69
CA ASP F 86 -42.21 32.70 -16.40
C ASP F 86 -41.62 34.09 -16.17
N THR F 87 -42.04 34.73 -15.09
CA THR F 87 -41.56 36.07 -14.76
C THR F 87 -40.07 36.07 -14.42
N ARG F 89 -37.93 34.69 -16.24
CA ARG F 89 -37.17 34.56 -17.48
C ARG F 89 -37.09 35.89 -18.21
N LYS F 90 -35.89 36.21 -18.70
CA LYS F 90 -35.68 37.45 -19.45
C LYS F 90 -35.53 37.17 -20.94
N ASN F 91 -36.44 37.74 -21.72
CA ASN F 91 -36.42 37.59 -23.17
C ASN F 91 -35.68 38.76 -23.81
N ILE F 92 -35.38 38.65 -25.10
CA ILE F 92 -34.52 39.62 -25.77
C ILE F 92 -35.26 40.42 -26.83
N GLY F 93 -34.70 41.56 -27.21
CA GLY F 93 -35.30 42.42 -28.21
C GLY F 93 -34.28 43.29 -28.93
N LEU F 94 -34.70 43.92 -30.02
CA LEU F 94 -33.80 44.77 -30.81
C LEU F 94 -34.09 46.27 -30.63
N THR F 95 -33.03 47.04 -30.41
CA THR F 95 -33.14 48.49 -30.36
C THR F 95 -33.21 49.07 -31.77
N THR F 96 -33.43 50.38 -31.87
CA THR F 96 -33.49 51.04 -33.17
C THR F 96 -32.18 50.88 -33.93
N SER F 97 -31.07 51.00 -33.22
CA SER F 97 -29.74 50.83 -33.81
C SER F 97 -29.60 49.43 -34.38
N GLY F 98 -30.12 48.44 -33.64
CA GLY F 98 -30.06 47.06 -34.05
C GLY F 98 -30.78 46.81 -35.35
N ILE F 99 -32.04 47.23 -35.42
CA ILE F 99 -32.85 47.09 -36.63
C ILE F 99 -32.23 47.83 -37.80
N LYS F 100 -31.81 49.08 -37.55
CA LYS F 100 -31.16 49.89 -38.57
C LYS F 100 -29.88 49.25 -39.08
N LEU F 101 -29.25 48.42 -38.24
CA LEU F 101 -28.07 47.68 -38.65
C LEU F 101 -28.44 46.47 -39.50
N VAL F 102 -29.43 45.72 -39.02
CA VAL F 102 -29.90 44.51 -39.71
C VAL F 102 -30.34 44.83 -41.13
N GLU F 103 -31.19 45.85 -41.26
CA GLU F 103 -31.67 46.27 -42.57
C GLU F 103 -30.50 46.66 -43.47
N ALA F 104 -29.44 47.17 -42.87
CA ALA F 104 -28.28 47.63 -43.62
C ALA F 104 -27.31 46.52 -44.02
N PHE F 105 -27.30 45.40 -43.30
CA PHE F 105 -26.32 44.35 -43.62
C PHE F 105 -26.93 43.08 -44.22
N THR F 106 -28.25 42.91 -44.09
CA THR F 106 -28.92 41.69 -44.56
C THR F 106 -28.64 41.40 -46.04
N SER F 107 -28.45 42.47 -46.80
CA SER F 107 -28.23 42.38 -48.24
C SER F 107 -27.03 41.51 -48.58
N ILE F 108 -26.07 41.43 -47.66
CA ILE F 108 -24.87 40.61 -47.88
C ILE F 108 -25.23 39.14 -47.91
N PHE F 109 -25.91 38.67 -46.86
CA PHE F 109 -26.35 37.28 -46.80
C PHE F 109 -27.30 36.97 -47.94
N ASP F 110 -28.24 37.88 -48.20
CA ASP F 110 -29.16 37.71 -49.33
C ASP F 110 -28.41 37.51 -50.65
N GLU F 111 -27.38 38.32 -50.85
CA GLU F 111 -26.58 38.25 -52.07
C GLU F 111 -25.78 36.96 -52.17
N MET F 112 -25.14 36.55 -51.08
CA MET F 112 -24.36 35.31 -51.10
C MET F 112 -25.24 34.09 -51.33
N GLU F 113 -26.42 34.07 -50.71
CA GLU F 113 -27.36 32.98 -50.87
C GLU F 113 -27.89 32.94 -52.29
N GLN F 114 -28.21 34.13 -52.82
CA GLN F 114 -28.66 34.27 -54.19
C GLN F 114 -27.62 33.74 -55.16
N THR F 115 -26.42 34.31 -55.13
CA THR F 115 -25.31 33.85 -55.97
C THR F 115 -24.97 32.37 -55.76
N LEU F 116 -25.37 31.83 -54.61
CA LEU F 116 -25.23 30.41 -54.35
C LEU F 116 -26.23 29.58 -55.15
N VAL F 117 -27.51 29.92 -55.06
CA VAL F 117 -28.56 29.16 -55.75
C VAL F 117 -28.58 29.38 -57.26
N SER F 118 -28.23 30.59 -57.67
CA SER F 118 -28.36 31.06 -59.05
C SER F 118 -27.61 30.25 -60.12
N GLN F 119 -26.75 29.33 -59.69
CA GLN F 119 -26.01 28.52 -60.64
C GLN F 119 -26.27 27.03 -60.44
N LEU F 120 -27.35 26.73 -59.74
CA LEU F 120 -27.87 25.37 -59.65
C LEU F 120 -29.27 25.27 -60.27
N SER F 121 -29.55 24.14 -60.90
CA SER F 121 -30.87 23.91 -61.49
C SER F 121 -31.91 23.71 -60.41
N GLU F 122 -33.15 24.05 -60.73
CA GLU F 122 -34.25 24.01 -59.76
C GLU F 122 -34.46 22.62 -59.14
N GLU F 123 -34.68 21.62 -59.99
CA GLU F 123 -34.84 20.25 -59.52
C GLU F 123 -33.61 19.75 -58.76
N GLU F 124 -32.47 20.27 -59.17
CA GLU F 124 -31.21 19.94 -58.53
C GLU F 124 -31.07 20.69 -57.23
N ASN F 125 -31.62 21.90 -57.16
CA ASN F 125 -31.60 22.62 -55.90
C ASN F 125 -32.47 21.89 -54.87
N GLU F 126 -33.63 21.43 -55.34
CA GLU F 126 -34.55 20.65 -54.53
C GLU F 126 -33.90 19.37 -53.99
N GLN F 127 -33.31 18.59 -54.88
CA GLN F 127 -32.63 17.36 -54.49
C GLN F 127 -31.47 17.67 -53.54
N MET F 128 -30.79 18.77 -53.81
CA MET F 128 -29.65 19.23 -53.00
C MET F 128 -30.06 19.49 -51.57
N LYS F 129 -31.00 20.40 -51.37
CA LYS F 129 -31.47 20.72 -50.03
C LYS F 129 -32.07 19.50 -49.35
N ALA F 130 -32.69 18.63 -50.15
CA ALA F 130 -33.26 17.40 -49.61
C ALA F 130 -32.18 16.50 -48.99
N ASN F 131 -31.19 16.13 -49.80
CA ASN F 131 -30.09 15.29 -49.31
C ASN F 131 -29.28 15.95 -48.20
N LEU F 132 -29.11 17.26 -48.29
CA LEU F 132 -28.44 18.04 -47.25
C LEU F 132 -29.17 17.91 -45.92
N THR F 133 -30.49 18.05 -45.96
CA THR F 133 -31.31 17.85 -44.76
C THR F 133 -31.23 16.40 -44.28
N LYS F 134 -31.10 15.46 -45.21
CA LYS F 134 -30.97 14.05 -44.85
C LYS F 134 -29.68 13.74 -44.10
N MET F 135 -28.57 14.31 -44.55
CA MET F 135 -27.30 14.14 -43.86
C MET F 135 -27.26 14.90 -42.54
N LEU F 136 -27.76 16.13 -42.57
CA LEU F 136 -27.86 16.95 -41.37
C LEU F 136 -28.67 16.22 -40.30
N SER F 137 -29.69 15.48 -40.73
CA SER F 137 -30.47 14.68 -39.79
C SER F 137 -29.67 13.44 -39.40
N SER F 138 -28.87 12.94 -40.33
CA SER F 138 -28.03 11.78 -40.09
C SER F 138 -26.94 12.05 -39.07
N LEU F 139 -26.71 13.33 -38.79
CA LEU F 139 -25.71 13.71 -37.78
C LEU F 139 -26.36 14.15 -36.46
N GLN F 140 -27.32 15.05 -36.56
CA GLN F 140 -28.02 15.56 -35.37
C GLN F 140 -28.76 14.44 -34.64
N GLU I 3 -10.91 -37.24 50.51
CA GLU I 3 -11.03 -38.69 50.38
C GLU I 3 -9.78 -39.27 49.72
N PHE I 4 -9.18 -38.50 48.82
CA PHE I 4 -7.94 -38.91 48.15
C PHE I 4 -6.71 -38.49 48.95
N THR I 5 -5.58 -39.11 48.63
CA THR I 5 -4.34 -38.87 49.36
C THR I 5 -3.85 -37.43 49.25
N TYR I 6 -2.82 -37.09 50.03
CA TYR I 6 -2.24 -35.76 49.99
C TYR I 6 -1.38 -35.55 48.76
N SER I 7 -0.73 -36.62 48.29
CA SER I 7 0.13 -36.55 47.11
C SER I 7 -0.67 -36.09 45.90
N TYR I 8 -1.78 -36.78 45.65
CA TYR I 8 -2.68 -36.45 44.55
C TYR I 8 -3.11 -34.98 44.63
N LEU I 9 -3.60 -34.59 45.80
CA LEU I 9 -4.15 -33.26 46.03
C LEU I 9 -3.13 -32.15 45.77
N PHE I 10 -1.93 -32.32 46.34
CA PHE I 10 -0.86 -31.34 46.20
C PHE I 10 -0.32 -31.27 44.76
N ARG I 11 -0.02 -32.42 44.19
CA ARG I 11 0.52 -32.46 42.83
C ARG I 11 -0.48 -31.88 41.81
N MET I 12 -1.76 -32.22 41.98
CA MET I 12 -2.77 -31.72 41.06
C MET I 12 -3.03 -30.23 41.23
N ILE I 13 -3.09 -29.74 42.47
CA ILE I 13 -3.33 -28.32 42.69
C ILE I 13 -2.13 -27.48 42.23
N SER I 14 -0.92 -28.03 42.37
CA SER I 14 0.27 -27.32 41.95
C SER I 14 0.36 -27.30 40.43
N HIS I 15 0.03 -28.43 39.80
CA HIS I 15 0.00 -28.51 38.35
C HIS I 15 -1.00 -27.52 37.77
N GLU I 16 -2.22 -27.53 38.32
CA GLU I 16 -3.26 -26.61 37.86
C GLU I 16 -2.82 -25.16 38.04
N MET I 17 -2.19 -24.87 39.17
CA MET I 17 -1.67 -23.54 39.42
C MET I 17 -0.67 -23.12 38.35
N LYS I 18 0.24 -24.03 38.03
CA LYS I 18 1.25 -23.80 37.00
C LYS I 18 0.63 -23.59 35.63
N GLN I 19 -0.47 -24.27 35.36
CA GLN I 19 -1.13 -24.11 34.07
C GLN I 19 -1.83 -22.76 33.96
N LYS I 20 -2.60 -22.41 34.99
CA LYS I 20 -3.27 -21.10 35.04
C LYS I 20 -2.25 -19.98 34.92
N ALA I 21 -1.11 -20.17 35.56
CA ALA I 21 -0.02 -19.21 35.51
C ALA I 21 0.55 -19.11 34.11
N ASP I 22 0.91 -20.25 33.54
CA ASP I 22 1.46 -20.31 32.18
C ASP I 22 0.56 -19.57 31.18
N GLN I 23 -0.73 -19.90 31.22
CA GLN I 23 -1.69 -19.30 30.31
C GLN I 23 -1.80 -17.79 30.51
N LYS I 24 -1.93 -17.34 31.76
CA LYS I 24 -2.01 -15.90 32.00
C LYS I 24 -0.71 -15.18 31.61
N LEU I 25 0.40 -15.88 31.68
CA LEU I 25 1.72 -15.31 31.40
C LEU I 25 2.11 -15.38 29.92
N GLU I 26 1.33 -16.11 29.14
CA GLU I 26 1.63 -16.30 27.71
C GLU I 26 1.84 -14.99 26.96
N GLN I 27 1.20 -13.92 27.42
CA GLN I 27 1.27 -12.64 26.73
C GLN I 27 2.58 -11.92 27.02
N PHE I 28 3.31 -12.38 28.04
CA PHE I 28 4.61 -11.79 28.36
C PHE I 28 5.75 -12.62 27.77
N ASP I 29 5.38 -13.70 27.10
CA ASP I 29 6.33 -14.69 26.58
C ASP I 29 7.28 -15.25 27.63
N ILE I 30 6.84 -15.36 28.88
CA ILE I 30 7.62 -16.06 29.89
C ILE I 30 6.84 -17.21 30.53
N THR I 31 7.58 -18.18 31.05
CA THR I 31 6.98 -19.31 31.74
C THR I 31 6.78 -18.99 33.22
N ASN I 32 6.09 -19.87 33.92
CA ASN I 32 5.85 -19.73 35.35
C ASN I 32 7.14 -19.52 36.15
N GLU I 33 8.04 -20.50 36.05
CA GLU I 33 9.31 -20.49 36.75
C GLU I 33 10.13 -19.26 36.39
N GLN I 34 10.09 -18.87 35.12
CA GLN I 34 10.77 -17.66 34.70
C GLN I 34 10.21 -16.47 35.46
N GLY I 35 8.88 -16.36 35.47
CA GLY I 35 8.20 -15.28 36.18
C GLY I 35 8.60 -15.17 37.64
N HIS I 36 8.64 -16.32 38.32
CA HIS I 36 9.00 -16.33 39.74
C HIS I 36 10.47 -15.95 39.95
N THR I 37 11.36 -16.49 39.12
CA THR I 37 12.77 -16.11 39.18
C THR I 37 12.95 -14.61 39.00
N LEU I 38 12.29 -14.05 37.98
CA LEU I 38 12.32 -12.61 37.74
C LEU I 38 11.82 -11.86 38.96
N GLY I 39 10.78 -12.39 39.59
CA GLY I 39 10.22 -11.76 40.78
C GLY I 39 11.23 -11.72 41.91
N TYR I 40 11.92 -12.85 42.13
CA TYR I 40 12.93 -12.93 43.18
C TYR I 40 14.06 -11.95 42.90
N LEU I 41 14.47 -11.86 41.64
CA LEU I 41 15.53 -10.92 41.25
C LEU I 41 15.09 -9.49 41.51
N TYR I 42 13.83 -9.21 41.25
CA TYR I 42 13.28 -7.87 41.46
C TYR I 42 13.25 -7.53 42.95
N ALA I 43 12.95 -8.52 43.77
CA ALA I 43 12.81 -8.29 45.20
C ALA I 43 14.15 -8.30 45.92
N HIS I 44 15.16 -8.95 45.34
CA HIS I 44 16.46 -9.05 45.97
C HIS I 44 17.62 -8.77 45.01
N GLN I 45 17.87 -7.51 44.71
CA GLN I 45 18.94 -7.15 43.79
C GLN I 45 20.12 -6.49 44.52
N GLN I 46 20.31 -6.85 45.78
CA GLN I 46 21.20 -6.07 46.64
C GLN I 46 22.50 -6.74 47.09
N ASP I 47 22.62 -8.06 46.90
CA ASP I 47 23.80 -8.76 47.43
C ASP I 47 25.13 -8.38 46.74
N GLY I 48 25.25 -8.39 45.41
CA GLY I 48 24.24 -8.81 44.45
C GLY I 48 24.27 -10.30 44.26
N LEU I 49 23.12 -10.90 43.99
CA LEU I 49 22.96 -12.34 43.98
C LEU I 49 23.84 -13.05 42.96
N THR I 50 24.42 -14.17 43.37
CA THR I 50 25.09 -15.07 42.45
C THR I 50 24.14 -16.20 42.08
N GLN I 51 24.56 -17.06 41.16
CA GLN I 51 23.70 -18.15 40.69
C GLN I 51 23.33 -19.15 41.79
N ASN I 52 24.25 -19.41 42.72
CA ASN I 52 23.99 -20.40 43.76
C ASN I 52 23.04 -19.85 44.82
N ASP I 53 23.02 -18.52 44.96
CA ASP I 53 22.08 -17.88 45.86
C ASP I 53 20.68 -18.19 45.36
N ILE I 54 20.49 -18.03 44.05
CA ILE I 54 19.21 -18.32 43.40
C ILE I 54 18.90 -19.80 43.54
N ALA I 55 19.92 -20.63 43.33
CA ALA I 55 19.78 -22.08 43.39
C ALA I 55 19.23 -22.53 44.73
N LYS I 56 19.77 -21.98 45.80
CA LYS I 56 19.33 -22.34 47.14
C LYS I 56 18.03 -21.65 47.54
N ALA I 57 17.81 -20.44 47.02
CA ALA I 57 16.61 -19.68 47.38
C ALA I 57 15.35 -20.26 46.75
N LEU I 58 15.48 -20.81 45.55
CA LEU I 58 14.31 -21.34 44.85
C LEU I 58 14.32 -22.87 44.89
N GLN I 59 15.21 -23.42 45.70
CA GLN I 59 15.30 -24.87 45.93
C GLN I 59 15.54 -25.62 44.62
N ARG I 60 16.50 -25.16 43.84
CA ARG I 60 16.83 -25.80 42.57
C ARG I 60 18.30 -26.19 42.53
N THR I 61 18.65 -27.05 41.57
CA THR I 61 20.03 -27.50 41.40
C THR I 61 20.82 -26.50 40.57
N GLY I 62 22.14 -26.65 40.55
CA GLY I 62 23.03 -25.79 39.80
C GLY I 62 22.78 -25.76 38.29
N PRO I 63 22.79 -26.94 37.64
CA PRO I 63 22.47 -27.02 36.22
C PRO I 63 21.12 -26.37 35.87
N THR I 64 20.11 -26.62 36.71
CA THR I 64 18.76 -26.12 36.44
C THR I 64 18.70 -24.59 36.43
N VAL I 65 19.20 -23.98 37.50
CA VAL I 65 19.22 -22.52 37.60
C VAL I 65 20.12 -21.94 36.51
N SER I 66 21.17 -22.68 36.15
CA SER I 66 22.04 -22.28 35.05
C SER I 66 21.24 -22.16 33.76
N ASN I 67 20.54 -23.23 33.40
CA ASN I 67 19.76 -23.30 32.18
C ASN I 67 18.66 -22.24 32.13
N LEU I 68 17.91 -22.12 33.22
CA LEU I 68 16.85 -21.13 33.29
C LEU I 68 17.42 -19.72 33.15
N LEU I 69 18.56 -19.47 33.79
CA LEU I 69 19.18 -18.15 33.71
C LEU I 69 19.71 -17.85 32.31
N ARG I 70 20.21 -18.87 31.61
CA ARG I 70 20.73 -18.65 30.27
C ARG I 70 19.57 -18.38 29.31
N ASN I 71 18.47 -19.12 29.48
CA ASN I 71 17.27 -18.88 28.68
C ASN I 71 16.76 -17.48 28.95
N LEU I 72 16.90 -17.05 30.19
CA LEU I 72 16.48 -15.72 30.62
C LEU I 72 17.36 -14.63 30.02
N GLU I 73 18.63 -14.95 29.84
CA GLU I 73 19.59 -14.00 29.28
C GLU I 73 19.44 -13.88 27.77
N ARG I 74 19.02 -14.96 27.12
CA ARG I 74 18.75 -14.91 25.69
C ARG I 74 17.66 -13.89 25.34
N LYS I 75 16.80 -13.60 26.31
CA LYS I 75 15.73 -12.63 26.12
C LYS I 75 16.18 -11.25 26.61
N LYS I 76 17.44 -11.16 27.02
CA LYS I 76 18.04 -9.93 27.52
C LYS I 76 17.21 -9.30 28.63
N LEU I 77 16.54 -10.14 29.41
CA LEU I 77 15.78 -9.68 30.57
C LEU I 77 16.71 -9.52 31.77
N ILE I 78 17.77 -10.31 31.81
CA ILE I 78 18.74 -10.23 32.89
C ILE I 78 20.16 -10.07 32.34
N TYR I 79 21.08 -9.60 33.18
CA TYR I 79 22.48 -9.51 32.79
C TYR I 79 23.40 -10.10 33.84
N ARG I 80 24.44 -10.78 33.37
CA ARG I 80 25.36 -11.51 34.23
C ARG I 80 26.81 -11.07 34.02
N TYR I 81 27.34 -10.31 34.98
CA TYR I 81 28.75 -9.92 34.91
C TYR I 81 29.59 -10.67 35.95
N VAL I 82 30.84 -10.93 35.61
CA VAL I 82 31.75 -11.64 36.50
C VAL I 82 32.13 -10.76 37.69
N ASP I 83 32.09 -11.35 38.89
CA ASP I 83 32.43 -10.63 40.11
C ASP I 83 33.91 -10.23 40.10
N ALA I 84 34.21 -9.09 40.72
CA ALA I 84 35.57 -8.56 40.73
C ALA I 84 36.46 -9.30 41.72
N GLN I 85 35.90 -9.66 42.88
CA GLN I 85 36.65 -10.35 43.91
C GLN I 85 36.84 -11.83 43.57
N ASP I 86 35.75 -12.50 43.22
CA ASP I 86 35.80 -13.91 42.85
C ASP I 86 35.45 -14.08 41.37
N THR I 87 36.30 -14.80 40.64
CA THR I 87 36.11 -14.98 39.21
C THR I 87 35.20 -16.18 38.94
N ARG I 88 35.08 -17.07 39.92
CA ARG I 88 34.16 -18.20 39.82
C ARG I 88 32.73 -17.71 39.90
N ARG I 89 32.54 -16.61 40.62
CA ARG I 89 31.22 -16.05 40.85
C ARG I 89 30.61 -15.44 39.59
N LYS I 90 29.33 -15.11 39.70
CA LYS I 90 28.54 -14.60 38.58
C LYS I 90 27.41 -13.78 39.18
N ASN I 91 27.50 -12.46 39.07
CA ASN I 91 26.43 -11.62 39.58
C ASN I 91 25.26 -11.55 38.61
N ILE I 92 24.04 -11.64 39.15
CA ILE I 92 22.84 -11.66 38.34
C ILE I 92 21.99 -10.42 38.60
N GLY I 93 21.66 -9.68 37.55
CA GLY I 93 20.84 -8.49 37.74
C GLY I 93 19.74 -8.36 36.71
N LEU I 94 18.82 -7.43 36.95
CA LEU I 94 17.71 -7.19 36.05
C LEU I 94 17.95 -6.06 35.06
N THR I 95 17.79 -6.35 33.77
CA THR I 95 17.81 -5.31 32.76
C THR I 95 16.51 -4.52 32.89
N THR I 96 16.47 -3.32 32.31
CA THR I 96 15.31 -2.45 32.39
C THR I 96 14.04 -3.17 31.91
N SER I 97 14.16 -3.88 30.79
CA SER I 97 13.04 -4.63 30.24
C SER I 97 12.55 -5.66 31.24
N GLY I 98 13.49 -6.30 31.93
CA GLY I 98 13.15 -7.27 32.96
C GLY I 98 12.34 -6.64 34.08
N ILE I 99 12.80 -5.48 34.53
CA ILE I 99 12.12 -4.72 35.57
C ILE I 99 10.68 -4.38 35.18
N LYS I 100 10.52 -3.73 34.04
CA LYS I 100 9.18 -3.33 33.59
C LYS I 100 8.31 -4.57 33.34
N LEU I 101 8.95 -5.68 32.99
CA LEU I 101 8.25 -6.94 32.80
C LEU I 101 7.64 -7.40 34.11
N VAL I 102 8.49 -7.53 35.13
CA VAL I 102 8.05 -7.89 36.47
C VAL I 102 6.91 -6.99 36.95
N GLU I 103 7.13 -5.69 36.82
CA GLU I 103 6.15 -4.69 37.21
C GLU I 103 4.82 -4.91 36.49
N ALA I 104 4.89 -5.39 35.25
CA ALA I 104 3.68 -5.69 34.50
C ALA I 104 2.97 -6.99 34.92
N PHE I 105 3.71 -8.08 35.06
CA PHE I 105 3.07 -9.39 35.27
C PHE I 105 2.79 -9.76 36.74
N THR I 106 3.38 -9.03 37.68
CA THR I 106 3.17 -9.33 39.11
C THR I 106 1.69 -9.48 39.49
N SER I 107 0.84 -8.67 38.84
CA SER I 107 -0.60 -8.67 39.04
C SER I 107 -1.19 -10.08 38.99
N ILE I 108 -0.68 -10.88 38.05
CA ILE I 108 -1.16 -12.24 37.84
C ILE I 108 -0.93 -13.13 39.06
N PHE I 109 0.25 -13.04 39.65
CA PHE I 109 0.56 -13.83 40.83
C PHE I 109 -0.22 -13.32 42.04
N ASP I 110 -0.30 -12.00 42.17
CA ASP I 110 -1.02 -11.40 43.29
C ASP I 110 -2.50 -11.79 43.30
N GLU I 111 -3.10 -11.79 42.11
CA GLU I 111 -4.50 -12.18 41.98
C GLU I 111 -4.68 -13.68 42.11
N MET I 112 -3.70 -14.44 41.61
CA MET I 112 -3.74 -15.90 41.73
C MET I 112 -3.76 -16.29 43.20
N GLU I 113 -3.08 -15.47 44.01
CA GLU I 113 -3.05 -15.66 45.45
C GLU I 113 -4.36 -15.22 46.10
N GLN I 114 -4.84 -14.05 45.67
CA GLN I 114 -6.07 -13.48 46.22
C GLN I 114 -7.29 -14.37 46.01
N THR I 115 -7.43 -14.95 44.82
CA THR I 115 -8.57 -15.83 44.55
C THR I 115 -8.53 -17.10 45.39
N LEU I 116 -7.36 -17.40 45.94
CA LEU I 116 -7.21 -18.54 46.83
C LEU I 116 -7.55 -18.18 48.27
N VAL I 117 -6.92 -17.12 48.77
CA VAL I 117 -7.17 -16.69 50.14
C VAL I 117 -8.60 -16.21 50.36
N SER I 118 -9.30 -15.89 49.28
CA SER I 118 -10.71 -15.51 49.35
C SER I 118 -11.61 -16.66 49.81
N GLN I 119 -11.34 -17.86 49.30
CA GLN I 119 -12.20 -19.02 49.57
C GLN I 119 -12.30 -19.38 51.04
N LEU I 120 -11.21 -19.23 51.78
CA LEU I 120 -11.20 -19.61 53.19
C LEU I 120 -11.39 -18.41 54.11
N SER I 121 -11.94 -18.66 55.28
CA SER I 121 -12.05 -17.63 56.30
C SER I 121 -10.65 -17.29 56.79
N GLU I 122 -10.49 -16.12 57.38
CA GLU I 122 -9.18 -15.63 57.79
C GLU I 122 -8.49 -16.56 58.80
N GLU I 123 -9.26 -17.04 59.77
CA GLU I 123 -8.75 -18.02 60.72
C GLU I 123 -8.40 -19.31 60.00
N GLU I 124 -9.24 -19.71 59.06
CA GLU I 124 -9.02 -20.90 58.26
C GLU I 124 -7.76 -20.73 57.44
N ASN I 125 -7.56 -19.52 56.91
CA ASN I 125 -6.38 -19.20 56.11
C ASN I 125 -5.11 -19.34 56.93
N GLU I 126 -5.16 -18.84 58.17
CA GLU I 126 -4.01 -18.94 59.06
C GLU I 126 -3.72 -20.40 59.42
N GLN I 127 -4.78 -21.16 59.66
CA GLN I 127 -4.64 -22.57 60.03
C GLN I 127 -4.06 -23.36 58.87
N MET I 128 -4.52 -23.02 57.67
CA MET I 128 -4.09 -23.68 56.45
C MET I 128 -2.61 -23.42 56.22
N LYS I 129 -2.22 -22.15 56.22
CA LYS I 129 -0.81 -21.81 55.99
C LYS I 129 0.08 -22.44 57.06
N ALA I 130 -0.40 -22.46 58.30
CA ALA I 130 0.35 -23.07 59.39
C ALA I 130 0.58 -24.57 59.16
N ASN I 131 -0.50 -25.32 58.93
CA ASN I 131 -0.39 -26.75 58.67
C ASN I 131 0.43 -27.05 57.42
N LEU I 132 0.41 -26.12 56.47
CA LEU I 132 1.18 -26.26 55.25
C LEU I 132 2.67 -26.15 55.56
N THR I 133 3.07 -25.06 56.20
CA THR I 133 4.48 -24.86 56.57
C THR I 133 4.96 -26.02 57.43
N LYS I 134 4.07 -26.54 58.27
CA LYS I 134 4.35 -27.73 59.06
C LYS I 134 4.70 -28.91 58.14
N MET I 135 3.83 -29.19 57.19
CA MET I 135 4.02 -30.35 56.31
C MET I 135 5.23 -30.16 55.39
N LEU I 136 5.63 -28.90 55.22
CA LEU I 136 6.81 -28.57 54.43
C LEU I 136 8.07 -28.89 55.21
N SER I 137 8.15 -28.39 56.45
CA SER I 137 9.31 -28.65 57.29
C SER I 137 9.43 -30.14 57.60
N SER I 138 8.29 -30.84 57.56
CA SER I 138 8.24 -32.27 57.79
C SER I 138 9.01 -33.06 56.73
N LEU I 139 9.34 -32.40 55.62
CA LEU I 139 10.07 -33.05 54.53
C LEU I 139 11.52 -32.60 54.49
N SER J 1 2.36 -9.25 54.81
CA SER J 1 3.69 -9.06 54.22
C SER J 1 4.62 -10.20 54.58
N ASN J 2 4.03 -11.37 54.82
CA ASN J 2 4.81 -12.55 55.21
C ASN J 2 5.76 -13.00 54.11
N GLU J 3 5.27 -12.97 52.87
CA GLU J 3 5.95 -13.43 51.65
C GLU J 3 5.79 -14.94 51.52
N PHE J 4 5.04 -15.53 52.44
CA PHE J 4 4.74 -16.96 52.40
C PHE J 4 3.42 -17.21 51.67
N THR J 5 3.44 -17.07 50.35
CA THR J 5 2.25 -17.25 49.53
C THR J 5 1.85 -18.72 49.40
N TYR J 6 0.60 -18.95 49.05
CA TYR J 6 0.12 -20.31 48.80
C TYR J 6 0.87 -21.01 47.67
N SER J 7 1.20 -20.28 46.62
CA SER J 7 1.93 -20.87 45.50
C SER J 7 3.32 -21.32 45.94
N TYR J 8 3.94 -20.50 46.78
CA TYR J 8 5.22 -20.84 47.40
C TYR J 8 5.14 -22.17 48.14
N LEU J 9 4.14 -22.30 49.00
CA LEU J 9 3.96 -23.51 49.80
C LEU J 9 3.63 -24.74 48.97
N PHE J 10 2.67 -24.62 48.04
CA PHE J 10 2.28 -25.77 47.23
C PHE J 10 3.43 -26.23 46.35
N ARG J 11 4.07 -25.29 45.67
CA ARG J 11 5.19 -25.62 44.79
C ARG J 11 6.33 -26.26 45.58
N MET J 12 6.69 -25.67 46.72
CA MET J 12 7.79 -26.20 47.52
C MET J 12 7.48 -27.59 48.05
N ILE J 13 6.24 -27.79 48.52
CA ILE J 13 5.80 -29.11 49.00
C ILE J 13 5.87 -30.15 47.90
N SER J 14 5.15 -29.93 46.80
CA SER J 14 5.12 -30.92 45.70
C SER J 14 6.51 -31.19 45.15
N HIS J 15 7.36 -30.17 45.15
CA HIS J 15 8.75 -30.33 44.74
C HIS J 15 9.50 -31.26 45.69
N GLU J 16 9.34 -31.02 47.00
CA GLU J 16 10.01 -31.84 48.00
C GLU J 16 9.54 -33.29 47.94
N MET J 17 8.23 -33.48 47.80
CA MET J 17 7.65 -34.81 47.70
C MET J 17 8.21 -35.54 46.50
N LYS J 18 8.16 -34.87 45.35
CA LYS J 18 8.72 -35.41 44.11
C LYS J 18 10.18 -35.83 44.31
N GLN J 19 10.93 -34.97 44.99
CA GLN J 19 12.36 -35.19 45.21
C GLN J 19 12.62 -36.42 46.06
N LYS J 20 12.01 -36.47 47.24
CA LYS J 20 12.15 -37.60 48.15
C LYS J 20 11.73 -38.90 47.48
N ALA J 21 10.56 -38.87 46.83
CA ALA J 21 10.05 -40.04 46.14
C ALA J 21 11.03 -40.53 45.08
N ASP J 22 11.52 -39.60 44.26
CA ASP J 22 12.52 -39.92 43.24
C ASP J 22 13.74 -40.60 43.86
N GLN J 23 14.29 -39.97 44.90
CA GLN J 23 15.50 -40.45 45.55
C GLN J 23 15.31 -41.86 46.09
N LYS J 24 14.12 -42.12 46.64
CA LYS J 24 13.83 -43.44 47.19
C LYS J 24 13.60 -44.47 46.09
N LEU J 25 13.06 -44.02 44.96
CA LEU J 25 12.72 -44.92 43.87
C LEU J 25 13.89 -45.23 42.95
N GLU J 26 14.98 -44.46 43.08
CA GLU J 26 16.14 -44.59 42.20
C GLU J 26 16.59 -46.03 41.97
N GLN J 27 16.43 -46.87 42.99
CA GLN J 27 16.85 -48.26 42.93
C GLN J 27 15.97 -49.09 41.98
N PHE J 28 14.78 -48.58 41.69
CA PHE J 28 13.86 -49.25 40.78
C PHE J 28 13.97 -48.70 39.36
N ASP J 29 14.81 -47.69 39.19
CA ASP J 29 15.03 -47.01 37.91
C ASP J 29 13.76 -46.33 37.37
N ILE J 30 12.70 -46.33 38.15
CA ILE J 30 11.47 -45.66 37.77
C ILE J 30 11.35 -44.34 38.52
N THR J 31 10.57 -43.41 37.97
CA THR J 31 10.42 -42.09 38.58
C THR J 31 9.08 -41.95 39.28
N ASN J 32 8.91 -40.82 39.97
CA ASN J 32 7.67 -40.50 40.69
C ASN J 32 6.45 -40.64 39.79
N GLU J 33 6.53 -40.03 38.62
CA GLU J 33 5.45 -40.06 37.64
C GLU J 33 5.16 -41.49 37.17
N GLN J 34 6.21 -42.20 36.77
CA GLN J 34 6.06 -43.60 36.36
C GLN J 34 5.47 -44.42 37.51
N GLY J 35 5.83 -44.05 38.74
CA GLY J 35 5.31 -44.70 39.91
C GLY J 35 3.80 -44.53 40.02
N HIS J 36 3.35 -43.28 40.04
CA HIS J 36 1.93 -42.99 40.17
C HIS J 36 1.12 -43.55 39.01
N THR J 37 1.74 -43.60 37.82
CA THR J 37 1.06 -44.12 36.64
C THR J 37 0.90 -45.64 36.74
N LEU J 38 1.99 -46.33 37.06
CA LEU J 38 1.95 -47.78 37.25
C LEU J 38 0.97 -48.15 38.38
N GLY J 39 0.87 -47.27 39.37
CA GLY J 39 -0.06 -47.46 40.47
C GLY J 39 -1.49 -47.33 40.02
N TYR J 40 -1.77 -46.26 39.26
CA TYR J 40 -3.11 -46.05 38.73
C TYR J 40 -3.54 -47.21 37.85
N LEU J 41 -2.61 -47.70 37.04
CA LEU J 41 -2.89 -48.84 36.17
C LEU J 41 -3.18 -50.08 37.00
N TYR J 42 -2.30 -50.37 37.96
CA TYR J 42 -2.47 -51.51 38.85
C TYR J 42 -3.83 -51.47 39.55
N ALA J 43 -4.30 -50.27 39.87
CA ALA J 43 -5.59 -50.09 40.52
C ALA J 43 -6.77 -50.21 39.54
N HIS J 44 -6.56 -49.84 38.29
CA HIS J 44 -7.66 -49.80 37.32
C HIS J 44 -7.45 -50.66 36.07
N GLN J 45 -6.51 -51.59 36.13
CA GLN J 45 -6.24 -52.46 34.99
C GLN J 45 -7.42 -53.40 34.73
N GLN J 46 -8.19 -53.68 35.77
CA GLN J 46 -9.38 -54.53 35.66
C GLN J 46 -10.37 -53.94 34.66
N ASP J 47 -10.67 -52.66 34.83
CA ASP J 47 -11.55 -51.96 33.89
C ASP J 47 -10.81 -51.71 32.58
N GLY J 48 -11.54 -51.71 31.47
CA GLY J 48 -10.94 -51.44 30.18
C GLY J 48 -10.36 -50.04 30.12
N LEU J 49 -9.07 -49.95 29.83
CA LEU J 49 -8.37 -48.67 29.91
C LEU J 49 -7.60 -48.33 28.64
N THR J 50 -7.81 -47.12 28.15
CA THR J 50 -7.11 -46.62 26.97
C THR J 50 -6.17 -45.48 27.36
N GLN J 51 -5.40 -44.98 26.41
CA GLN J 51 -4.44 -43.92 26.68
C GLN J 51 -5.12 -42.61 27.04
N ASN J 52 -6.19 -42.28 26.32
CA ASN J 52 -6.90 -41.03 26.57
C ASN J 52 -7.64 -41.03 27.91
N ASP J 53 -8.07 -42.20 28.36
CA ASP J 53 -8.70 -42.32 29.67
C ASP J 53 -7.67 -41.90 30.71
N ILE J 54 -6.47 -42.45 30.57
CA ILE J 54 -5.35 -42.15 31.44
C ILE J 54 -5.08 -40.65 31.44
N ALA J 55 -4.98 -40.08 30.24
CA ALA J 55 -4.76 -38.65 30.08
C ALA J 55 -5.79 -37.83 30.83
N LYS J 56 -7.06 -38.24 30.73
CA LYS J 56 -8.14 -37.50 31.37
C LYS J 56 -8.10 -37.68 32.88
N ALA J 57 -7.51 -38.77 33.34
CA ALA J 57 -7.53 -39.12 34.75
C ALA J 57 -6.35 -38.54 35.51
N LEU J 58 -5.23 -38.36 34.83
CA LEU J 58 -4.02 -37.85 35.47
C LEU J 58 -3.80 -36.37 35.21
N GLN J 59 -4.80 -35.73 34.60
CA GLN J 59 -4.72 -34.31 34.24
C GLN J 59 -3.48 -34.03 33.39
N ARG J 60 -3.27 -34.85 32.38
CA ARG J 60 -2.14 -34.67 31.47
C ARG J 60 -2.60 -34.70 30.01
N THR J 61 -1.84 -34.04 29.15
CA THR J 61 -2.14 -34.03 27.72
C THR J 61 -1.88 -35.40 27.09
N GLY J 62 -2.39 -35.59 25.88
CA GLY J 62 -2.15 -36.81 25.12
C GLY J 62 -0.70 -37.15 24.83
N PRO J 63 0.08 -36.18 24.31
CA PRO J 63 1.50 -36.42 24.07
C PRO J 63 2.26 -36.88 25.31
N THR J 64 2.05 -36.18 26.43
CA THR J 64 2.70 -36.50 27.68
C THR J 64 2.48 -37.97 28.04
N VAL J 65 1.22 -38.38 28.02
CA VAL J 65 0.83 -39.74 28.33
C VAL J 65 1.47 -40.72 27.36
N SER J 66 1.47 -40.36 26.08
CA SER J 66 2.07 -41.21 25.05
C SER J 66 3.55 -41.44 25.34
N ASN J 67 4.23 -40.42 25.84
CA ASN J 67 5.65 -40.49 26.10
C ASN J 67 5.92 -41.32 27.36
N LEU J 68 5.10 -41.10 28.38
CA LEU J 68 5.13 -41.91 29.59
C LEU J 68 5.01 -43.40 29.24
N LEU J 69 3.96 -43.73 28.50
CA LEU J 69 3.71 -45.11 28.09
C LEU J 69 4.82 -45.64 27.19
N ARG J 70 5.46 -44.75 26.43
CA ARG J 70 6.62 -45.13 25.64
C ARG J 70 7.76 -45.58 26.56
N ASN J 71 7.99 -44.82 27.61
CA ASN J 71 9.03 -45.13 28.59
C ASN J 71 8.74 -46.42 29.35
N LEU J 72 7.51 -46.58 29.81
CA LEU J 72 7.09 -47.78 30.52
C LEU J 72 7.13 -49.02 29.63
N GLU J 73 6.77 -48.86 28.37
CA GLU J 73 6.86 -49.96 27.41
C GLU J 73 8.32 -50.33 27.18
N ARG J 74 9.17 -49.31 27.08
CA ARG J 74 10.59 -49.50 26.82
C ARG J 74 11.28 -50.28 27.93
N LYS J 75 10.67 -50.27 29.11
CA LYS J 75 11.20 -51.02 30.25
C LYS J 75 10.57 -52.41 30.36
N LYS J 76 9.72 -52.74 29.38
CA LYS J 76 9.04 -54.03 29.32
C LYS J 76 8.17 -54.29 30.54
N LEU J 77 7.67 -53.22 31.15
CA LEU J 77 6.77 -53.33 32.30
C LEU J 77 5.31 -53.36 31.86
N ILE J 78 5.06 -52.94 30.63
CA ILE J 78 3.70 -52.70 30.17
C ILE J 78 3.48 -53.15 28.72
N TYR J 79 2.34 -53.80 28.46
CA TYR J 79 2.00 -54.19 27.10
C TYR J 79 0.82 -53.37 26.59
N ARG J 80 0.94 -52.90 25.35
CA ARG J 80 -0.13 -52.18 24.67
C ARG J 80 -0.58 -52.94 23.43
N TYR J 81 -1.89 -52.93 23.16
CA TYR J 81 -2.40 -53.63 21.98
C TYR J 81 -3.64 -52.95 21.41
N VAL J 82 -3.71 -52.85 20.09
CA VAL J 82 -4.81 -52.15 19.44
C VAL J 82 -6.15 -52.84 19.71
N ASP J 83 -7.17 -52.03 19.97
CA ASP J 83 -8.50 -52.57 20.28
C ASP J 83 -9.08 -53.26 19.06
N ALA J 84 -9.81 -54.36 19.30
CA ALA J 84 -10.40 -55.14 18.22
C ALA J 84 -11.49 -54.36 17.48
N GLN J 85 -12.29 -53.61 18.23
CA GLN J 85 -13.40 -52.88 17.66
C GLN J 85 -12.97 -51.59 16.97
N ASP J 86 -12.03 -50.87 17.58
CA ASP J 86 -11.61 -49.57 17.07
C ASP J 86 -10.09 -49.51 16.93
N THR J 87 -9.62 -49.54 15.68
CA THR J 87 -8.19 -49.64 15.41
C THR J 87 -7.41 -48.41 15.87
N ARG J 88 -8.08 -47.26 15.91
CA ARG J 88 -7.47 -46.04 16.42
C ARG J 88 -7.09 -46.19 17.88
N ARG J 89 -7.93 -46.91 18.61
CA ARG J 89 -7.76 -47.09 20.04
C ARG J 89 -6.74 -48.19 20.32
N LYS J 90 -6.07 -48.09 21.47
CA LYS J 90 -5.22 -49.17 21.93
C LYS J 90 -5.19 -49.24 23.46
N ASN J 91 -5.31 -50.46 23.97
CA ASN J 91 -5.46 -50.70 25.40
C ASN J 91 -4.12 -51.05 26.05
N ILE J 92 -4.07 -50.85 27.37
CA ILE J 92 -2.81 -50.91 28.12
C ILE J 92 -2.95 -51.82 29.32
N GLY J 93 -1.92 -52.63 29.57
CA GLY J 93 -1.91 -53.50 30.73
C GLY J 93 -0.51 -53.65 31.29
N LEU J 94 -0.42 -54.18 32.52
CA LEU J 94 0.87 -54.42 33.14
C LEU J 94 1.35 -55.84 32.90
N THR J 95 2.65 -55.99 32.68
CA THR J 95 3.29 -57.31 32.65
C THR J 95 3.61 -57.75 34.07
N THR J 96 4.20 -58.93 34.20
CA THR J 96 4.53 -59.49 35.51
C THR J 96 5.48 -58.57 36.27
N SER J 97 6.47 -58.04 35.55
CA SER J 97 7.44 -57.12 36.11
C SER J 97 6.72 -55.87 36.61
N GLY J 98 5.79 -55.36 35.80
CA GLY J 98 5.05 -54.17 36.15
C GLY J 98 4.28 -54.28 37.46
N ILE J 99 3.50 -55.35 37.60
CA ILE J 99 2.71 -55.57 38.81
C ILE J 99 3.57 -55.90 40.03
N LYS J 100 4.59 -56.73 39.84
CA LYS J 100 5.50 -57.05 40.94
C LYS J 100 6.22 -55.80 41.45
N LEU J 101 6.75 -55.01 40.52
CA LEU J 101 7.38 -53.75 40.88
C LEU J 101 6.38 -52.82 41.57
N VAL J 102 5.15 -52.80 41.05
CA VAL J 102 4.08 -52.00 41.63
C VAL J 102 3.90 -52.31 43.10
N GLU J 103 3.77 -53.60 43.40
CA GLU J 103 3.64 -54.04 44.79
C GLU J 103 4.92 -53.75 45.59
N ALA J 104 6.05 -53.74 44.91
CA ALA J 104 7.33 -53.43 45.56
C ALA J 104 7.43 -51.99 46.04
N PHE J 105 7.11 -51.01 45.19
CA PHE J 105 7.25 -49.62 45.60
C PHE J 105 5.99 -49.06 46.27
N THR J 106 4.88 -49.80 46.18
CA THR J 106 3.59 -49.34 46.68
C THR J 106 3.62 -48.86 48.14
N SER J 107 4.64 -49.28 48.87
CA SER J 107 4.80 -48.89 50.28
C SER J 107 5.32 -47.47 50.45
N ILE J 108 6.09 -46.98 49.50
CA ILE J 108 6.72 -45.66 49.61
C ILE J 108 5.68 -44.53 49.64
N PHE J 109 4.68 -44.65 48.78
CA PHE J 109 3.60 -43.68 48.70
C PHE J 109 2.81 -43.64 50.00
N ASP J 110 2.43 -44.81 50.51
CA ASP J 110 1.67 -44.90 51.74
C ASP J 110 2.50 -44.42 52.93
N GLU J 111 3.82 -44.63 52.85
CA GLU J 111 4.72 -44.21 53.91
C GLU J 111 4.83 -42.70 53.97
N MET J 112 4.97 -42.07 52.81
CA MET J 112 5.05 -40.61 52.76
C MET J 112 3.71 -39.99 53.17
N GLU J 113 2.63 -40.64 52.72
CA GLU J 113 1.28 -40.24 53.06
C GLU J 113 1.07 -40.24 54.57
N GLN J 114 1.38 -41.37 55.21
CA GLN J 114 1.20 -41.52 56.65
C GLN J 114 2.12 -40.56 57.40
N THR J 115 3.34 -40.40 56.89
CA THR J 115 4.29 -39.46 57.46
C THR J 115 3.75 -38.03 57.41
N LEU J 116 2.86 -37.79 56.44
CA LEU J 116 2.24 -36.48 56.29
C LEU J 116 1.01 -36.32 57.19
N VAL J 117 0.20 -37.37 57.28
CA VAL J 117 -1.04 -37.35 58.05
C VAL J 117 -0.75 -37.17 59.54
N SER J 118 0.41 -37.65 59.97
CA SER J 118 0.91 -37.38 61.31
C SER J 118 1.02 -35.88 61.56
N GLN J 119 1.17 -35.51 62.83
CA GLN J 119 1.21 -34.11 63.28
C GLN J 119 -0.08 -33.34 62.92
N LEU J 120 -1.07 -34.07 62.43
CA LEU J 120 -2.41 -33.53 62.25
C LEU J 120 -3.45 -34.39 62.98
N SER J 121 -4.38 -33.74 63.67
CA SER J 121 -5.50 -34.44 64.28
C SER J 121 -6.58 -34.72 63.25
N GLU J 122 -7.43 -35.70 63.53
CA GLU J 122 -8.46 -36.15 62.60
C GLU J 122 -9.38 -35.02 62.13
N GLU J 123 -9.83 -34.19 63.08
CA GLU J 123 -10.70 -33.07 62.75
C GLU J 123 -9.98 -32.05 61.87
N GLU J 124 -8.79 -31.64 62.30
CA GLU J 124 -7.98 -30.70 61.55
C GLU J 124 -7.59 -31.24 60.19
N ASN J 125 -7.49 -32.57 60.10
CA ASN J 125 -7.17 -33.23 58.84
C ASN J 125 -8.35 -33.23 57.88
N GLU J 126 -9.54 -33.47 58.41
CA GLU J 126 -10.76 -33.42 57.61
C GLU J 126 -11.00 -32.00 57.09
N GLN J 127 -10.83 -31.02 57.98
CA GLN J 127 -10.94 -29.62 57.59
C GLN J 127 -9.89 -29.26 56.56
N MET J 128 -8.69 -29.83 56.73
CA MET J 128 -7.59 -29.63 55.80
C MET J 128 -7.97 -30.10 54.39
N LYS J 129 -8.40 -31.36 54.29
CA LYS J 129 -8.77 -31.93 53.00
C LYS J 129 -9.98 -31.20 52.40
N ALA J 130 -10.85 -30.69 53.26
CA ALA J 130 -11.99 -29.88 52.81
C ALA J 130 -11.52 -28.60 52.13
N ASN J 131 -10.74 -27.80 52.85
CA ASN J 131 -10.23 -26.55 52.30
C ASN J 131 -9.38 -26.76 51.06
N LEU J 132 -8.56 -27.81 51.08
CA LEU J 132 -7.67 -28.15 49.97
C LEU J 132 -8.47 -28.52 48.73
N THR J 133 -9.51 -29.32 48.92
CA THR J 133 -10.40 -29.68 47.81
C THR J 133 -11.13 -28.45 47.26
N LYS J 134 -11.58 -27.57 48.15
CA LYS J 134 -12.20 -26.31 47.72
C LYS J 134 -11.26 -25.51 46.83
N MET J 135 -10.01 -25.40 47.28
CA MET J 135 -9.00 -24.68 46.52
C MET J 135 -8.70 -25.32 45.18
N LEU J 136 -8.68 -26.65 45.14
CA LEU J 136 -8.50 -27.37 43.89
C LEU J 136 -9.68 -27.08 42.96
N SER J 137 -10.85 -26.95 43.56
CA SER J 137 -12.08 -26.68 42.82
C SER J 137 -12.02 -25.28 42.20
N SER J 138 -11.38 -24.36 42.91
CA SER J 138 -11.27 -22.99 42.41
C SER J 138 -10.37 -22.86 41.17
N LEU J 139 -9.25 -23.57 41.17
CA LEU J 139 -8.32 -23.51 40.05
C LEU J 139 -8.84 -24.26 38.82
N GLN J 140 -9.97 -24.96 38.98
CA GLN J 140 -10.57 -25.71 37.89
C GLN J 140 -11.47 -24.82 37.04
#